data_7TTX
#
_entry.id   7TTX
#
_cell.length_a   74.174
_cell.length_b   76.816
_cell.length_c   117.626
_cell.angle_alpha   90.000
_cell.angle_beta   90.000
_cell.angle_gamma   90.000
#
_symmetry.space_group_name_H-M   'P 21 21 21'
#
loop_
_entity.id
_entity.type
_entity.pdbx_description
1 polymer 'Spike glycoprotein'
2 polymer '1040 heavy chain'
3 polymer '1040 light chain'
4 non-polymer 2-acetamido-2-deoxy-beta-D-glucopyranose
#
loop_
_entity_poly.entity_id
_entity_poly.type
_entity_poly.pdbx_seq_one_letter_code
_entity_poly.pdbx_strand_id
1 'polypeptide(L)'
;RVQPTDSIVRFPNITNLCPFGEVFNATTFASVYAWNRKRISNCVADYSVLYNSTSFSTFKCYGVSPTKLNDLCFTNVYAD
SFVITGDEVRQIAPGQTGKIADYNYKLPDDFTGCVIAWNSKHIDAKEGGNFNYLYRLFRKANLKPFERDISTEIYQAGSK
PCNGQTGLNCYYPLYRYGFYPTDGVGHQPYRVVVLSFELLNAPATVCGPKKSTNLVKNKGVNFHHHHHHHH
;
A
2 'polypeptide(L)'
;QLQLQESGPGLVKPSETLSLTCTVSGGSISSSNFYWGWIRQPPGKGLEWIASITYSGRTFYNPSLKSRVAISVDTSKNQF
SLKLSSVTAADTAVYYCARTFPSYYDRSGYHYLNYGMDVWGQGTTVTVSSASTKGPSVFPLAPSSKSTSGGTAALGCLVK
DYFPEPVTVSWNSGALTSGVHTFPAVLQSSGLYSLSSVVTVPSSSLGTQTYICNVNHKPSNTKVDKKVEPKSCDKTH
;
H
3 'polypeptide(L)'
;NFMLTQPHSMSESPGKTVTISCTRSSGSIASNYVQWYQQRPGSSPTTVIYEDNQRPSGVPDRFSGSIDSSSNSASLTISG
LKTEDEADYYCQSYDSSSWVFGGGTKLTVLGQPKANPTVTLFPPSSEELQANKATLVCLISDFYPGAVTVAWKADGSPVK
AGVETTKPSKQSNNKYAASSYLSLTPEQWKSHRSYSCQVTHEGSTVEKTVAPTECS
;
L
#
# COMPACT_ATOMS: atom_id res chain seq x y z
N THR A 15 6.20 -41.50 -31.43
CA THR A 15 4.80 -41.91 -31.38
C THR A 15 4.12 -41.49 -30.06
N ASN A 16 4.83 -41.61 -28.91
CA ASN A 16 4.24 -41.21 -27.62
C ASN A 16 4.40 -39.69 -27.44
N LEU A 17 3.47 -38.95 -28.04
CA LEU A 17 3.34 -37.55 -27.69
C LEU A 17 2.84 -37.46 -26.26
N CYS A 18 3.24 -36.40 -25.58
CA CYS A 18 2.63 -36.12 -24.31
C CYS A 18 1.17 -35.76 -24.51
N PRO A 19 0.25 -36.39 -23.75
CA PRO A 19 -1.19 -36.23 -24.01
C PRO A 19 -1.60 -34.83 -23.66
N PHE A 20 -1.48 -33.99 -24.66
CA PHE A 20 -1.67 -32.57 -24.54
C PHE A 20 -3.03 -32.15 -25.06
N GLY A 21 -3.47 -32.74 -26.17
CA GLY A 21 -4.86 -32.64 -26.56
C GLY A 21 -5.81 -33.28 -25.57
N GLU A 22 -5.30 -34.27 -24.80
CA GLU A 22 -6.06 -34.85 -23.68
C GLU A 22 -6.35 -33.82 -22.59
N VAL A 23 -5.40 -32.92 -22.32
CA VAL A 23 -5.64 -31.90 -21.30
C VAL A 23 -6.11 -30.58 -21.92
N PHE A 24 -5.59 -30.17 -23.09
CA PHE A 24 -5.94 -28.85 -23.61
C PHE A 24 -7.22 -28.89 -24.44
N ASN A 25 -7.25 -29.75 -25.46
CA ASN A 25 -8.43 -29.82 -26.32
C ASN A 25 -9.63 -30.36 -25.55
N ALA A 26 -9.48 -31.56 -24.96
CA ALA A 26 -10.27 -32.12 -23.86
C ALA A 26 -11.79 -32.07 -24.05
N THR A 27 -12.54 -32.08 -22.95
CA THR A 27 -14.00 -31.91 -22.96
C THR A 27 -14.53 -31.16 -21.73
N THR A 28 -14.32 -31.72 -20.52
CA THR A 28 -14.83 -31.14 -19.29
C THR A 28 -13.63 -30.61 -18.50
N PHE A 29 -13.73 -29.40 -17.99
CA PHE A 29 -12.75 -28.97 -17.00
C PHE A 29 -13.41 -28.89 -15.63
N ALA A 30 -12.56 -28.77 -14.62
CA ALA A 30 -12.98 -28.78 -13.24
C ALA A 30 -13.22 -27.37 -12.74
N SER A 31 -14.02 -27.25 -11.68
CA SER A 31 -14.06 -25.98 -10.98
C SER A 31 -12.73 -25.74 -10.30
N VAL A 32 -12.44 -24.46 -10.07
CA VAL A 32 -11.14 -24.08 -9.54
C VAL A 32 -10.94 -24.56 -8.11
N TYR A 33 -12.03 -24.71 -7.33
CA TYR A 33 -11.87 -25.26 -5.99
C TYR A 33 -11.43 -26.70 -6.04
N ALA A 34 -11.89 -27.43 -7.05
CA ALA A 34 -11.50 -28.82 -7.21
C ALA A 34 -10.55 -28.88 -8.39
N TRP A 35 -9.47 -28.10 -8.33
CA TRP A 35 -8.59 -27.92 -9.49
C TRP A 35 -7.91 -29.23 -9.87
N ASN A 36 -8.03 -29.61 -11.12
CA ASN A 36 -7.64 -30.93 -11.57
C ASN A 36 -6.15 -30.90 -11.93
N ARG A 37 -5.49 -32.07 -11.79
CA ARG A 37 -4.03 -32.19 -11.97
C ARG A 37 -3.68 -33.49 -12.69
N LYS A 38 -2.79 -33.40 -13.68
CA LYS A 38 -2.34 -34.57 -14.43
C LYS A 38 -0.82 -34.57 -14.45
N ARG A 39 -0.23 -35.66 -13.99
CA ARG A 39 1.19 -35.92 -14.18
C ARG A 39 1.37 -36.65 -15.50
N ILE A 40 2.45 -36.34 -16.24
CA ILE A 40 2.82 -37.07 -17.45
C ILE A 40 4.30 -37.52 -17.43
N SER A 41 4.53 -38.77 -17.02
CA SER A 41 5.85 -39.38 -17.00
C SER A 41 6.16 -40.10 -18.31
N ASN A 42 7.47 -40.26 -18.55
CA ASN A 42 8.08 -41.11 -19.57
C ASN A 42 7.53 -40.76 -20.96
N CYS A 43 7.89 -39.55 -21.36
CA CYS A 43 7.15 -38.91 -22.42
C CYS A 43 7.98 -37.77 -22.98
N VAL A 44 7.81 -37.55 -24.27
CA VAL A 44 8.40 -36.43 -24.98
C VAL A 44 7.29 -35.44 -25.32
N ALA A 45 7.55 -34.16 -25.09
CA ALA A 45 6.49 -33.18 -25.08
C ALA A 45 6.64 -32.19 -26.22
N ASP A 46 5.58 -32.06 -27.02
CA ASP A 46 5.53 -31.13 -28.14
C ASP A 46 5.06 -29.76 -27.64
N TYR A 47 6.00 -28.90 -27.29
CA TYR A 47 5.60 -27.54 -26.98
C TYR A 47 5.51 -26.67 -28.22
N SER A 48 5.95 -27.19 -29.39
CA SER A 48 5.83 -26.47 -30.65
C SER A 48 4.40 -26.11 -30.99
N VAL A 49 3.46 -27.01 -30.66
CA VAL A 49 2.04 -26.77 -30.93
C VAL A 49 1.42 -25.84 -29.89
N LEU A 50 2.23 -25.31 -28.98
CA LEU A 50 1.78 -24.31 -28.05
C LEU A 50 2.30 -22.90 -28.37
N TYR A 51 3.47 -22.75 -28.99
CA TYR A 51 3.85 -21.41 -29.48
C TYR A 51 2.96 -20.96 -30.61
N ASN A 52 2.91 -21.73 -31.69
CA ASN A 52 2.30 -21.25 -32.93
C ASN A 52 0.77 -21.33 -32.94
N SER A 53 0.13 -21.12 -31.78
CA SER A 53 -1.30 -21.31 -31.57
C SER A 53 -2.11 -20.04 -31.83
N THR A 54 -1.74 -18.93 -31.14
CA THR A 54 -2.21 -17.53 -31.18
C THR A 54 -3.55 -17.40 -30.42
N SER A 55 -4.23 -18.52 -30.19
CA SER A 55 -5.55 -18.55 -29.58
C SER A 55 -5.53 -18.48 -28.07
N PHE A 56 -4.39 -18.16 -27.47
CA PHE A 56 -4.31 -17.96 -26.02
C PHE A 56 -4.36 -16.48 -25.72
N SER A 57 -5.24 -16.09 -24.80
CA SER A 57 -5.28 -14.69 -24.38
C SER A 57 -4.08 -14.35 -23.50
N THR A 58 -3.88 -15.07 -22.40
CA THR A 58 -2.62 -14.95 -21.68
C THR A 58 -1.81 -16.24 -21.74
N PHE A 59 -0.49 -16.05 -21.70
CA PHE A 59 0.54 -17.08 -21.76
C PHE A 59 1.72 -16.48 -21.02
N LYS A 60 1.86 -16.89 -19.76
CA LYS A 60 2.94 -16.34 -18.90
C LYS A 60 3.82 -17.50 -18.48
N CYS A 61 5.10 -17.23 -18.31
CA CYS A 61 6.05 -18.29 -18.02
C CYS A 61 7.08 -17.84 -17.00
N TYR A 62 7.06 -18.47 -15.85
CA TYR A 62 7.79 -18.04 -14.68
C TYR A 62 8.93 -19.03 -14.44
N GLY A 63 10.18 -18.54 -14.49
CA GLY A 63 11.37 -19.36 -14.29
C GLY A 63 12.09 -19.84 -15.55
N VAL A 64 11.43 -19.83 -16.71
CA VAL A 64 12.00 -20.35 -17.95
C VAL A 64 11.29 -19.69 -19.13
N SER A 65 12.06 -19.31 -20.17
CA SER A 65 11.47 -18.94 -21.46
C SER A 65 10.85 -20.16 -22.14
N PRO A 66 9.66 -20.02 -22.71
CA PRO A 66 9.08 -21.16 -23.44
C PRO A 66 9.80 -21.46 -24.75
N THR A 67 10.51 -20.51 -25.36
CA THR A 67 11.35 -20.84 -26.50
C THR A 67 12.47 -21.78 -26.10
N LYS A 68 12.96 -21.67 -24.86
CA LYS A 68 13.90 -22.66 -24.35
C LYS A 68 13.26 -24.02 -24.09
N LEU A 69 11.94 -24.12 -24.00
CA LEU A 69 11.32 -25.29 -23.37
C LEU A 69 11.48 -26.59 -24.16
N ASN A 70 11.74 -26.51 -25.46
CA ASN A 70 11.81 -27.70 -26.31
C ASN A 70 13.10 -28.48 -26.17
N ASP A 71 13.96 -28.14 -25.21
CA ASP A 71 15.28 -28.73 -25.11
C ASP A 71 15.88 -28.60 -23.70
N LEU A 72 15.05 -28.53 -22.66
CA LEU A 72 15.58 -28.84 -21.34
C LEU A 72 14.99 -30.17 -20.92
N CYS A 73 15.52 -30.72 -19.83
CA CYS A 73 15.12 -32.02 -19.30
C CYS A 73 14.67 -31.91 -17.86
N PHE A 74 13.48 -32.44 -17.58
CA PHE A 74 12.79 -32.26 -16.31
C PHE A 74 12.30 -33.59 -15.77
N THR A 75 12.14 -33.61 -14.45
CA THR A 75 11.97 -34.84 -13.70
C THR A 75 10.52 -35.24 -13.48
N ASN A 76 9.59 -34.29 -13.55
CA ASN A 76 8.29 -34.43 -14.20
C ASN A 76 7.65 -33.08 -14.42
N VAL A 77 6.66 -33.05 -15.32
CA VAL A 77 5.84 -31.87 -15.47
C VAL A 77 4.43 -32.25 -15.01
N TYR A 78 3.81 -31.32 -14.28
CA TYR A 78 2.43 -31.47 -13.86
C TYR A 78 1.58 -30.50 -14.66
N ALA A 79 0.42 -30.95 -15.10
CA ALA A 79 -0.52 -30.08 -15.77
C ALA A 79 -1.69 -29.87 -14.84
N ASP A 80 -1.79 -28.68 -14.25
CA ASP A 80 -2.98 -28.30 -13.49
C ASP A 80 -3.94 -27.57 -14.40
N SER A 81 -5.26 -27.75 -14.18
CA SER A 81 -6.24 -27.13 -15.07
C SER A 81 -7.58 -26.93 -14.38
N PHE A 82 -8.27 -25.84 -14.75
CA PHE A 82 -9.47 -25.38 -14.06
C PHE A 82 -10.15 -24.29 -14.89
N VAL A 83 -11.25 -23.75 -14.33
CA VAL A 83 -12.09 -22.74 -14.98
C VAL A 83 -12.32 -21.60 -13.99
N ILE A 84 -12.02 -20.37 -14.41
CA ILE A 84 -12.20 -19.14 -13.63
C ILE A 84 -12.70 -18.00 -14.53
N THR A 85 -13.17 -16.90 -13.92
CA THR A 85 -13.56 -15.72 -14.69
C THR A 85 -12.33 -15.02 -15.24
N GLY A 86 -12.54 -14.23 -16.30
CA GLY A 86 -11.44 -13.54 -16.96
C GLY A 86 -10.75 -12.47 -16.14
N ASP A 87 -11.42 -11.93 -15.13
CA ASP A 87 -10.72 -11.03 -14.23
C ASP A 87 -9.78 -11.79 -13.32
N GLU A 88 -10.14 -12.99 -12.94
CA GLU A 88 -9.34 -13.71 -11.95
C GLU A 88 -8.11 -14.43 -12.54
N VAL A 89 -7.73 -14.21 -13.80
CA VAL A 89 -6.58 -14.91 -14.37
C VAL A 89 -5.27 -14.34 -13.83
N ARG A 90 -5.27 -13.03 -13.65
CA ARG A 90 -4.09 -12.35 -13.04
C ARG A 90 -3.70 -13.08 -11.75
N GLN A 91 -4.68 -13.52 -10.95
CA GLN A 91 -4.32 -14.16 -9.70
C GLN A 91 -3.70 -15.53 -9.91
N ILE A 92 -3.59 -16.00 -11.13
CA ILE A 92 -2.92 -17.26 -11.35
C ILE A 92 -1.47 -16.91 -11.67
N ALA A 93 -0.74 -16.47 -10.65
CA ALA A 93 0.62 -15.99 -10.81
C ALA A 93 1.31 -16.13 -9.47
N PRO A 94 2.65 -16.18 -9.45
CA PRO A 94 3.40 -16.15 -8.19
C PRO A 94 3.09 -14.91 -7.35
N GLY A 95 2.84 -15.16 -6.07
CA GLY A 95 2.63 -14.10 -5.10
C GLY A 95 1.43 -13.21 -5.35
N GLN A 96 0.46 -13.66 -6.13
CA GLN A 96 -0.73 -12.83 -6.25
C GLN A 96 -1.60 -13.05 -5.04
N THR A 97 -2.08 -11.93 -4.52
CA THR A 97 -3.18 -11.90 -3.58
C THR A 97 -4.46 -12.22 -4.33
N GLY A 98 -5.43 -12.74 -3.60
CA GLY A 98 -6.74 -12.81 -4.19
C GLY A 98 -7.62 -14.00 -3.89
N LYS A 99 -8.88 -13.76 -4.22
CA LYS A 99 -10.01 -14.66 -4.02
C LYS A 99 -9.75 -16.08 -4.58
N ILE A 100 -9.11 -16.20 -5.75
CA ILE A 100 -8.73 -17.48 -6.34
C ILE A 100 -7.36 -17.94 -5.86
N ALA A 101 -6.43 -17.02 -5.73
CA ALA A 101 -5.11 -17.37 -5.28
C ALA A 101 -5.10 -17.85 -3.84
N ASP A 102 -5.99 -17.33 -2.99
CA ASP A 102 -5.87 -17.63 -1.58
C ASP A 102 -6.68 -18.83 -1.15
N TYR A 103 -7.94 -18.92 -1.58
CA TYR A 103 -8.80 -20.01 -1.14
C TYR A 103 -9.05 -21.06 -2.21
N ASN A 104 -8.45 -20.93 -3.40
CA ASN A 104 -8.80 -21.87 -4.47
C ASN A 104 -7.58 -22.49 -5.10
N TYR A 105 -6.56 -21.69 -5.48
CA TYR A 105 -5.42 -22.23 -6.20
C TYR A 105 -4.21 -21.32 -6.06
N LYS A 106 -3.26 -21.68 -5.18
CA LYS A 106 -2.11 -20.84 -4.91
C LYS A 106 -0.90 -21.36 -5.68
N LEU A 107 -0.26 -20.45 -6.40
CA LEU A 107 1.04 -20.74 -6.96
C LEU A 107 2.09 -20.48 -5.92
N PRO A 108 3.17 -21.25 -5.94
CA PRO A 108 4.34 -20.87 -5.15
C PRO A 108 5.00 -19.64 -5.73
N ASP A 109 5.69 -18.90 -4.88
CA ASP A 109 6.45 -17.76 -5.34
C ASP A 109 7.66 -18.18 -6.18
N ASP A 110 8.16 -19.40 -6.00
CA ASP A 110 9.32 -19.91 -6.72
C ASP A 110 8.89 -20.95 -7.77
N PHE A 111 7.73 -20.68 -8.35
CA PHE A 111 7.14 -21.42 -9.45
C PHE A 111 8.01 -21.43 -10.70
N THR A 112 8.71 -22.52 -10.94
CA THR A 112 9.18 -22.77 -12.30
C THR A 112 7.99 -23.32 -13.08
N GLY A 113 7.64 -22.68 -14.18
CA GLY A 113 6.57 -23.17 -15.00
C GLY A 113 5.86 -22.07 -15.75
N CYS A 114 4.67 -22.43 -16.26
CA CYS A 114 3.94 -21.59 -17.20
C CYS A 114 2.45 -21.70 -16.98
N VAL A 115 1.75 -20.69 -17.48
CA VAL A 115 0.34 -20.44 -17.20
C VAL A 115 -0.32 -20.12 -18.53
N ILE A 116 -1.31 -20.90 -18.92
CA ILE A 116 -1.89 -20.84 -20.25
C ILE A 116 -3.38 -20.70 -20.09
N ALA A 117 -3.98 -19.69 -20.71
CA ALA A 117 -5.45 -19.52 -20.59
C ALA A 117 -6.07 -18.96 -21.84
N TRP A 118 -7.33 -19.32 -22.06
CA TRP A 118 -8.08 -18.91 -23.24
C TRP A 118 -9.57 -18.89 -22.95
N ASN A 119 -10.30 -18.26 -23.85
CA ASN A 119 -11.73 -17.99 -23.70
C ASN A 119 -12.57 -19.18 -24.11
N SER A 120 -13.69 -19.35 -23.43
CA SER A 120 -14.52 -20.50 -23.71
C SER A 120 -16.00 -20.17 -23.65
N LYS A 121 -16.40 -18.99 -24.15
CA LYS A 121 -17.83 -18.69 -24.19
C LYS A 121 -18.60 -19.49 -25.22
N HIS A 122 -17.98 -19.84 -26.35
CA HIS A 122 -18.66 -20.65 -27.37
C HIS A 122 -18.92 -22.07 -26.89
N ILE A 123 -18.23 -22.50 -25.84
CA ILE A 123 -18.31 -23.83 -25.30
C ILE A 123 -18.84 -23.86 -23.87
N ASP A 124 -18.45 -22.91 -23.00
CA ASP A 124 -18.83 -22.99 -21.60
C ASP A 124 -19.85 -21.97 -21.11
N ALA A 125 -20.38 -21.10 -21.94
CA ALA A 125 -21.26 -20.04 -21.45
C ALA A 125 -22.63 -20.23 -22.04
N LYS A 126 -23.61 -20.55 -21.18
CA LYS A 126 -24.92 -21.01 -21.62
C LYS A 126 -25.97 -19.96 -21.38
N GLU A 127 -26.86 -19.84 -22.35
CA GLU A 127 -28.06 -19.02 -22.24
C GLU A 127 -28.91 -19.48 -21.06
N GLY A 128 -29.39 -18.53 -20.28
CA GLY A 128 -30.00 -18.82 -19.01
C GLY A 128 -29.03 -18.91 -17.84
N GLY A 129 -27.76 -19.18 -18.11
CA GLY A 129 -26.76 -19.24 -17.07
C GLY A 129 -26.19 -20.63 -16.89
N ASN A 130 -24.97 -20.84 -17.39
CA ASN A 130 -24.23 -22.02 -16.95
C ASN A 130 -23.76 -21.77 -15.54
N PHE A 131 -24.46 -22.36 -14.60
CA PHE A 131 -24.04 -22.16 -13.24
C PHE A 131 -22.92 -23.11 -12.84
N ASN A 132 -22.64 -24.16 -13.64
CA ASN A 132 -21.96 -25.40 -13.20
C ASN A 132 -20.52 -25.23 -12.76
N TYR A 133 -19.91 -24.08 -12.92
CA TYR A 133 -18.58 -23.86 -12.35
C TYR A 133 -18.69 -22.97 -11.13
N LEU A 134 -17.80 -23.22 -10.16
CA LEU A 134 -17.89 -22.56 -8.87
C LEU A 134 -16.51 -22.49 -8.23
N TYR A 135 -16.44 -21.87 -7.05
CA TYR A 135 -15.16 -21.44 -6.49
C TYR A 135 -15.33 -21.27 -5.00
N ARG A 136 -14.22 -21.33 -4.27
CA ARG A 136 -14.28 -21.11 -2.82
C ARG A 136 -14.27 -19.62 -2.51
N LEU A 137 -15.37 -19.14 -1.94
CA LEU A 137 -15.46 -17.77 -1.52
C LEU A 137 -14.81 -17.56 -0.16
N PHE A 138 -14.84 -18.58 0.68
CA PHE A 138 -14.55 -18.42 2.10
C PHE A 138 -13.68 -19.57 2.59
N ARG A 139 -12.58 -19.22 3.24
CA ARG A 139 -11.80 -20.24 3.90
C ARG A 139 -11.21 -19.63 5.16
N LYS A 140 -10.98 -20.48 6.15
CA LYS A 140 -10.30 -20.03 7.37
C LYS A 140 -8.88 -19.58 7.06
N ALA A 141 -8.03 -20.50 6.66
CA ALA A 141 -6.65 -20.23 6.32
C ALA A 141 -6.51 -20.04 4.80
N ASN A 142 -5.41 -19.41 4.39
CA ASN A 142 -5.09 -19.38 2.97
C ASN A 142 -4.52 -20.72 2.53
N LEU A 143 -4.37 -20.90 1.22
CA LEU A 143 -3.84 -22.18 0.79
C LEU A 143 -2.33 -22.14 0.79
N LYS A 144 -1.75 -23.30 1.10
CA LYS A 144 -0.40 -23.57 0.68
C LYS A 144 -0.36 -23.74 -0.83
N PRO A 145 0.76 -23.41 -1.46
CA PRO A 145 0.94 -23.68 -2.90
C PRO A 145 0.66 -25.13 -3.27
N PHE A 146 -0.17 -25.29 -4.30
CA PHE A 146 -0.71 -26.56 -4.79
C PHE A 146 -1.53 -27.33 -3.74
N GLU A 147 -2.06 -26.67 -2.71
CA GLU A 147 -3.04 -27.34 -1.85
C GLU A 147 -4.38 -27.43 -2.57
N ARG A 148 -5.17 -28.44 -2.21
CA ARG A 148 -6.48 -28.58 -2.81
C ARG A 148 -7.50 -28.67 -1.68
N ASP A 149 -8.56 -27.86 -1.76
CA ASP A 149 -9.60 -27.86 -0.75
C ASP A 149 -10.88 -28.33 -1.41
N ILE A 150 -11.51 -29.32 -0.77
CA ILE A 150 -12.74 -29.92 -1.28
C ILE A 150 -13.92 -29.77 -0.34
N SER A 151 -13.69 -29.35 0.91
CA SER A 151 -14.71 -29.50 1.95
C SER A 151 -15.86 -28.52 1.75
N THR A 152 -17.08 -29.00 2.02
CA THR A 152 -18.27 -28.15 2.08
C THR A 152 -18.59 -27.69 3.50
N GLU A 153 -17.58 -27.57 4.37
CA GLU A 153 -17.78 -27.15 5.74
C GLU A 153 -18.14 -25.66 5.80
N ILE A 154 -19.27 -25.36 6.45
CA ILE A 154 -19.85 -24.04 6.61
C ILE A 154 -18.85 -23.06 7.24
N TYR A 155 -18.59 -21.97 6.53
CA TYR A 155 -17.64 -20.98 6.99
C TYR A 155 -18.21 -20.22 8.17
N GLN A 156 -17.45 -20.11 9.24
CA GLN A 156 -17.90 -19.36 10.41
C GLN A 156 -17.44 -17.91 10.27
N ALA A 157 -18.28 -17.11 9.61
CA ALA A 157 -17.92 -15.73 9.32
C ALA A 157 -18.04 -14.81 10.54
N GLY A 158 -18.78 -15.22 11.54
CA GLY A 158 -18.85 -14.42 12.73
C GLY A 158 -18.38 -15.24 13.90
N SER A 159 -18.82 -14.83 15.07
CA SER A 159 -18.55 -15.55 16.31
C SER A 159 -19.69 -16.49 16.66
N LYS A 160 -20.92 -16.11 16.28
CA LYS A 160 -22.10 -16.95 16.44
C LYS A 160 -21.87 -18.21 15.62
N PRO A 161 -21.89 -19.40 16.27
CA PRO A 161 -21.49 -20.66 15.63
C PRO A 161 -22.37 -21.10 14.47
N CYS A 162 -22.01 -22.22 13.86
CA CYS A 162 -22.64 -22.56 12.59
C CYS A 162 -23.44 -23.84 12.62
N ASN A 163 -22.94 -24.87 13.33
CA ASN A 163 -23.61 -26.17 13.54
C ASN A 163 -23.93 -26.90 12.23
N GLY A 164 -23.12 -26.70 11.21
CA GLY A 164 -23.38 -27.33 9.92
C GLY A 164 -24.56 -26.79 9.13
N GLN A 165 -25.11 -25.63 9.53
CA GLN A 165 -26.28 -25.03 8.91
C GLN A 165 -25.85 -23.72 8.24
N THR A 166 -26.38 -23.49 7.05
CA THR A 166 -26.16 -22.23 6.36
C THR A 166 -26.99 -21.21 7.15
N GLY A 167 -26.34 -20.41 8.01
CA GLY A 167 -27.10 -19.51 8.87
C GLY A 167 -26.52 -18.12 9.11
N LEU A 168 -26.89 -17.49 10.24
CA LEU A 168 -26.41 -16.18 10.66
C LEU A 168 -24.89 -16.17 10.81
N ASN A 169 -24.27 -15.45 9.88
CA ASN A 169 -22.83 -15.32 9.71
C ASN A 169 -22.20 -16.67 9.43
N CYS A 170 -22.93 -17.49 8.68
CA CYS A 170 -22.57 -18.88 8.43
C CYS A 170 -22.88 -19.18 6.98
N TYR A 171 -21.85 -19.18 6.14
CA TYR A 171 -22.05 -19.28 4.71
C TYR A 171 -21.51 -20.58 4.18
N TYR A 172 -22.22 -21.10 3.20
CA TYR A 172 -21.71 -22.13 2.34
C TYR A 172 -20.45 -21.56 1.68
N PRO A 173 -19.28 -22.19 1.84
CA PRO A 173 -18.03 -21.56 1.39
C PRO A 173 -17.83 -21.53 -0.12
N LEU A 174 -18.66 -22.25 -0.89
CA LEU A 174 -18.59 -22.28 -2.35
C LEU A 174 -19.78 -21.54 -2.95
N TYR A 175 -19.49 -20.53 -3.74
CA TYR A 175 -20.49 -19.82 -4.52
C TYR A 175 -20.22 -20.11 -5.99
N ARG A 176 -21.20 -19.83 -6.83
CA ARG A 176 -21.21 -20.19 -8.24
C ARG A 176 -20.65 -19.05 -9.10
N TYR A 177 -20.11 -19.43 -10.25
CA TYR A 177 -19.98 -18.57 -11.41
C TYR A 177 -21.27 -18.66 -12.20
N GLY A 178 -21.86 -17.51 -12.53
CA GLY A 178 -23.05 -17.50 -13.39
C GLY A 178 -22.66 -17.11 -14.80
N PHE A 179 -22.51 -18.11 -15.68
CA PHE A 179 -21.80 -17.95 -16.94
C PHE A 179 -22.78 -17.80 -18.10
N TYR A 180 -23.18 -16.57 -18.36
CA TYR A 180 -23.90 -16.20 -19.57
C TYR A 180 -22.90 -15.91 -20.67
N PRO A 181 -23.25 -16.19 -21.93
CA PRO A 181 -22.43 -15.75 -23.06
C PRO A 181 -22.56 -14.28 -23.43
N THR A 182 -23.33 -13.52 -22.67
CA THR A 182 -23.56 -12.11 -22.91
C THR A 182 -22.73 -11.23 -21.98
N ASP A 183 -21.77 -11.84 -21.29
CA ASP A 183 -21.11 -11.21 -20.18
C ASP A 183 -19.98 -10.34 -20.66
N GLY A 184 -19.51 -9.50 -19.75
CA GLY A 184 -18.35 -8.66 -20.02
C GLY A 184 -17.07 -9.47 -20.04
N VAL A 185 -16.01 -8.81 -20.55
CA VAL A 185 -14.65 -9.35 -20.71
C VAL A 185 -14.07 -9.77 -19.35
N GLY A 186 -14.49 -9.11 -18.26
CA GLY A 186 -14.20 -9.59 -16.94
C GLY A 186 -14.86 -10.92 -16.60
N HIS A 187 -16.18 -10.99 -16.72
CA HIS A 187 -16.92 -12.10 -16.15
C HIS A 187 -17.18 -13.23 -17.15
N GLN A 188 -16.29 -13.39 -18.14
CA GLN A 188 -16.33 -14.51 -19.09
C GLN A 188 -16.03 -15.82 -18.39
N PRO A 189 -16.22 -16.95 -19.07
CA PRO A 189 -15.50 -18.15 -18.63
C PRO A 189 -14.18 -18.36 -19.37
N TYR A 190 -13.13 -18.68 -18.62
CA TYR A 190 -11.82 -19.00 -19.16
C TYR A 190 -11.37 -20.36 -18.67
N ARG A 191 -10.69 -21.12 -19.54
CA ARG A 191 -10.10 -22.39 -19.15
C ARG A 191 -8.60 -22.18 -19.04
N VAL A 192 -8.04 -22.58 -17.90
CA VAL A 192 -6.65 -22.32 -17.59
C VAL A 192 -5.93 -23.66 -17.54
N VAL A 193 -4.71 -23.72 -18.09
CA VAL A 193 -3.81 -24.84 -17.82
C VAL A 193 -2.52 -24.30 -17.22
N VAL A 194 -2.16 -24.80 -16.03
CA VAL A 194 -0.87 -24.55 -15.41
C VAL A 194 0.04 -25.76 -15.61
N LEU A 195 1.16 -25.55 -16.28
CA LEU A 195 2.25 -26.49 -16.35
C LEU A 195 3.33 -26.11 -15.35
N SER A 196 3.53 -26.93 -14.32
CA SER A 196 4.68 -26.76 -13.45
C SER A 196 5.79 -27.74 -13.87
N PHE A 197 7.04 -27.36 -13.60
CA PHE A 197 8.23 -28.16 -13.93
C PHE A 197 9.08 -28.35 -12.68
N GLU A 198 9.12 -29.58 -12.15
CA GLU A 198 9.94 -29.82 -10.96
C GLU A 198 11.39 -30.11 -11.36
N LEU A 199 12.31 -29.49 -10.63
CA LEU A 199 13.76 -29.67 -10.80
C LEU A 199 14.29 -30.57 -9.70
N LEU A 200 13.91 -31.85 -9.76
CA LEU A 200 14.33 -32.78 -8.73
C LEU A 200 15.79 -33.24 -8.99
N ASN A 201 16.49 -33.62 -7.92
CA ASN A 201 17.85 -34.18 -8.01
C ASN A 201 17.77 -35.68 -8.32
N ALA A 202 17.31 -35.97 -9.52
CA ALA A 202 16.65 -37.23 -9.85
C ALA A 202 16.69 -37.37 -11.38
N PRO A 203 16.41 -38.57 -11.95
CA PRO A 203 16.49 -38.69 -13.41
C PRO A 203 15.39 -37.95 -14.15
N ALA A 204 15.72 -37.50 -15.35
CA ALA A 204 14.75 -36.83 -16.20
C ALA A 204 13.81 -37.86 -16.82
N THR A 205 12.52 -37.55 -16.79
CA THR A 205 11.52 -38.41 -17.41
C THR A 205 10.78 -37.72 -18.54
N VAL A 206 10.94 -36.41 -18.69
CA VAL A 206 10.20 -35.65 -19.69
C VAL A 206 11.03 -34.44 -20.13
N CYS A 207 11.23 -34.35 -21.44
CA CYS A 207 12.04 -33.32 -22.06
C CYS A 207 11.38 -32.86 -23.36
N GLY A 208 11.82 -33.44 -24.47
CA GLY A 208 11.63 -32.86 -25.77
C GLY A 208 12.99 -32.47 -26.32
N PRO A 209 13.30 -32.90 -27.56
CA PRO A 209 14.44 -32.33 -28.30
C PRO A 209 13.97 -31.68 -29.60
N GLN B 1 -0.02 -13.38 4.13
CA GLN B 1 0.09 -12.42 3.03
C GLN B 1 1.57 -12.08 2.88
N LEU B 2 1.88 -10.81 2.60
CA LEU B 2 3.25 -10.37 2.40
C LEU B 2 3.41 -8.99 3.04
N GLN B 3 4.03 -8.98 4.22
CA GLN B 3 4.28 -7.75 4.96
C GLN B 3 5.70 -7.30 4.67
N LEU B 4 5.88 -5.99 4.58
CA LEU B 4 7.18 -5.39 4.27
C LEU B 4 7.44 -4.28 5.27
N GLN B 5 8.37 -4.52 6.19
CA GLN B 5 8.72 -3.52 7.19
C GLN B 5 10.19 -3.17 7.10
N GLU B 6 10.44 -1.87 6.91
CA GLU B 6 11.71 -1.21 6.72
C GLU B 6 12.48 -1.10 8.04
N SER B 7 13.75 -0.72 7.92
CA SER B 7 14.61 -0.54 9.08
C SER B 7 15.56 0.58 8.73
N GLY B 8 15.46 1.70 9.42
CA GLY B 8 16.27 2.84 9.08
C GLY B 8 16.79 3.57 10.30
N PRO B 9 17.87 4.33 10.13
CA PRO B 9 18.39 5.11 11.25
C PRO B 9 17.62 6.39 11.57
N GLY B 10 16.83 6.86 10.61
CA GLY B 10 16.07 8.11 10.78
C GLY B 10 16.99 9.30 10.64
N LEU B 11 18.26 9.10 10.94
CA LEU B 11 19.24 10.20 10.88
C LEU B 11 20.45 9.78 10.05
N VAL B 12 20.88 10.62 9.12
CA VAL B 12 22.13 10.33 8.37
C VAL B 12 22.89 11.64 8.21
N LYS B 13 23.74 11.97 9.17
CA LYS B 13 24.59 13.15 9.02
C LYS B 13 25.17 13.21 7.60
N PRO B 14 25.30 14.41 6.98
CA PRO B 14 25.55 14.49 5.54
C PRO B 14 26.92 13.96 5.13
N SER B 15 27.06 13.78 3.82
CA SER B 15 28.21 13.17 3.14
C SER B 15 28.51 11.74 3.56
N GLU B 16 27.64 11.11 4.35
CA GLU B 16 27.88 9.78 4.88
C GLU B 16 27.08 8.74 4.11
N THR B 17 27.05 7.54 4.66
CA THR B 17 26.42 6.40 4.02
C THR B 17 25.15 6.03 4.77
N LEU B 18 24.01 6.17 4.10
CA LEU B 18 22.71 5.79 4.65
C LEU B 18 22.46 4.31 4.36
N SER B 19 22.20 3.54 5.39
CA SER B 19 21.79 2.16 5.22
C SER B 19 20.37 1.99 5.68
N LEU B 20 19.56 1.44 4.80
CA LEU B 20 18.23 0.97 5.14
C LEU B 20 18.20 -0.54 4.98
N THR B 21 17.28 -1.18 5.70
CA THR B 21 17.10 -2.62 5.59
C THR B 21 15.60 -2.89 5.49
N CYS B 22 15.21 -3.83 4.63
CA CYS B 22 13.80 -4.11 4.48
C CYS B 22 13.50 -5.55 4.91
N THR B 23 12.99 -5.69 6.12
CA THR B 23 12.63 -6.99 6.61
C THR B 23 11.35 -7.47 5.95
N VAL B 24 11.34 -8.72 5.52
CA VAL B 24 10.29 -9.31 4.70
C VAL B 24 9.62 -10.44 5.48
N SER B 25 8.29 -10.49 5.47
CA SER B 25 7.63 -11.63 6.08
C SER B 25 6.53 -12.16 5.16
N GLY B 26 6.37 -13.48 5.14
CA GLY B 26 5.34 -14.08 4.31
C GLY B 26 5.72 -14.30 2.87
N GLY B 27 6.99 -14.65 2.61
CA GLY B 27 7.47 -14.87 1.25
C GLY B 27 8.98 -15.00 1.12
N SER B 28 9.44 -15.81 0.17
CA SER B 28 10.87 -16.08 0.01
C SER B 28 11.52 -14.92 -0.76
N ILE B 29 12.53 -14.29 -0.15
CA ILE B 29 13.29 -13.28 -0.88
C ILE B 29 14.23 -13.96 -1.88
N SER B 30 14.57 -15.23 -1.64
CA SER B 30 15.42 -16.02 -2.54
C SER B 30 14.73 -16.37 -3.86
N SER B 31 13.42 -16.17 -3.95
CA SER B 31 12.71 -16.41 -5.20
C SER B 31 13.18 -15.48 -6.31
N SER B 32 13.53 -16.10 -7.43
CA SER B 32 14.04 -15.44 -8.62
C SER B 32 12.93 -15.02 -9.56
N ASN B 33 11.67 -15.32 -9.17
CA ASN B 33 10.54 -14.84 -9.92
C ASN B 33 10.26 -13.38 -9.67
N PHE B 34 10.73 -12.82 -8.56
CA PHE B 34 10.38 -11.47 -8.17
C PHE B 34 11.60 -10.56 -8.17
N TYR B 35 11.34 -9.26 -8.05
CA TYR B 35 12.37 -8.27 -7.81
C TYR B 35 11.98 -7.39 -6.62
N TRP B 36 12.97 -6.71 -6.07
CA TRP B 36 12.87 -6.09 -4.75
C TRP B 36 13.49 -4.71 -4.87
N GLY B 37 12.73 -3.67 -4.60
CA GLY B 37 13.17 -2.33 -4.91
C GLY B 37 13.07 -1.35 -3.76
N TRP B 38 13.68 -0.19 -3.98
CA TRP B 38 13.49 0.95 -3.08
C TRP B 38 12.95 2.12 -3.90
N ILE B 39 11.83 2.67 -3.43
CA ILE B 39 11.33 3.96 -3.92
C ILE B 39 11.44 5.00 -2.81
N ARG B 40 12.00 6.15 -3.12
CA ARG B 40 12.00 7.22 -2.13
C ARG B 40 11.00 8.30 -2.49
N GLN B 41 10.60 9.05 -1.48
CA GLN B 41 9.69 10.18 -1.66
C GLN B 41 10.19 11.34 -0.81
N PRO B 42 10.93 12.28 -1.41
CA PRO B 42 11.28 13.50 -0.68
C PRO B 42 10.04 14.29 -0.35
N PRO B 43 10.06 15.07 0.74
CA PRO B 43 8.81 15.39 1.42
C PRO B 43 8.00 16.45 0.68
N GLY B 44 6.71 16.12 0.46
CA GLY B 44 5.79 16.92 -0.33
C GLY B 44 6.09 16.98 -1.80
N LYS B 45 6.96 16.11 -2.30
CA LYS B 45 7.33 15.99 -3.70
C LYS B 45 7.04 14.56 -4.13
N GLY B 46 7.15 14.30 -5.44
CA GLY B 46 6.73 13.05 -6.04
C GLY B 46 7.65 11.87 -5.71
N LEU B 47 7.50 10.82 -6.50
CA LEU B 47 8.16 9.53 -6.26
C LEU B 47 9.25 9.29 -7.28
N GLU B 48 10.38 8.74 -6.84
CA GLU B 48 11.40 8.23 -7.75
C GLU B 48 11.92 6.89 -7.27
N TRP B 49 12.27 6.06 -8.26
CA TRP B 49 12.81 4.74 -8.05
C TRP B 49 14.30 4.82 -7.85
N ILE B 50 14.83 3.99 -6.96
CA ILE B 50 16.27 4.00 -6.76
C ILE B 50 16.93 2.80 -7.45
N ALA B 51 16.70 1.59 -6.93
CA ALA B 51 17.34 0.43 -7.53
C ALA B 51 16.46 -0.79 -7.26
N SER B 52 16.72 -1.86 -8.00
CA SER B 52 15.96 -3.10 -7.85
C SER B 52 16.90 -4.29 -7.98
N ILE B 53 16.59 -5.36 -7.27
CA ILE B 53 17.52 -6.49 -7.23
C ILE B 53 16.75 -7.79 -7.16
N THR B 54 17.23 -8.78 -7.88
CA THR B 54 16.76 -10.14 -7.68
C THR B 54 17.87 -10.94 -7.06
N TYR B 55 17.56 -12.19 -6.69
CA TYR B 55 18.49 -12.93 -5.85
C TYR B 55 19.68 -13.44 -6.65
N SER B 56 19.53 -13.63 -7.96
CA SER B 56 20.67 -13.97 -8.84
C SER B 56 21.76 -12.90 -8.89
N GLY B 57 21.50 -11.69 -8.41
CA GLY B 57 22.44 -10.61 -8.42
C GLY B 57 22.24 -9.66 -9.56
N ARG B 58 21.37 -10.04 -10.50
CA ARG B 58 20.98 -9.21 -11.64
C ARG B 58 20.33 -7.93 -11.12
N THR B 59 20.86 -6.76 -11.50
CA THR B 59 20.54 -5.56 -10.72
C THR B 59 20.46 -4.29 -11.58
N PHE B 60 19.37 -3.54 -11.41
CA PHE B 60 19.04 -2.32 -12.16
C PHE B 60 19.06 -1.09 -11.26
N TYR B 61 19.45 0.05 -11.82
CA TYR B 61 19.77 1.24 -11.05
C TYR B 61 19.23 2.51 -11.71
N ASN B 62 18.73 3.44 -10.89
CA ASN B 62 18.47 4.79 -11.40
C ASN B 62 19.79 5.49 -11.73
N PRO B 63 19.99 5.99 -12.94
CA PRO B 63 21.33 6.41 -13.37
C PRO B 63 21.76 7.75 -12.84
N SER B 64 20.83 8.61 -12.44
CA SER B 64 21.16 9.82 -11.71
C SER B 64 21.68 9.53 -10.32
N LEU B 65 21.41 8.34 -9.82
CA LEU B 65 21.85 7.93 -8.51
C LEU B 65 22.88 6.83 -8.51
N LYS B 66 23.07 6.12 -9.66
CA LYS B 66 23.65 4.77 -9.63
C LYS B 66 25.06 4.77 -9.09
N SER B 67 25.78 5.89 -9.30
CA SER B 67 27.10 6.19 -8.76
C SER B 67 27.20 6.02 -7.23
N ARG B 68 26.11 6.30 -6.50
CA ARG B 68 26.13 6.31 -5.05
C ARG B 68 25.35 5.15 -4.45
N VAL B 69 24.73 4.31 -5.29
CA VAL B 69 23.76 3.31 -4.86
C VAL B 69 24.42 1.93 -4.79
N ALA B 70 24.20 1.21 -3.69
CA ALA B 70 24.53 -0.20 -3.64
C ALA B 70 23.37 -0.96 -3.00
N ILE B 71 23.19 -2.22 -3.40
CA ILE B 71 22.04 -2.99 -2.94
C ILE B 71 22.41 -4.47 -2.91
N SER B 72 21.83 -5.19 -1.94
CA SER B 72 22.13 -6.61 -1.74
C SER B 72 21.00 -7.30 -1.01
N VAL B 73 21.01 -8.63 -1.12
CA VAL B 73 20.01 -9.51 -0.52
C VAL B 73 20.64 -10.23 0.68
N ASP B 74 20.06 -10.02 1.85
CA ASP B 74 20.51 -10.63 3.12
C ASP B 74 19.67 -11.89 3.39
N THR B 75 19.98 -12.92 2.60
CA THR B 75 19.08 -14.03 2.37
C THR B 75 18.96 -14.98 3.56
N SER B 76 19.93 -15.00 4.47
CA SER B 76 19.77 -15.71 5.73
C SER B 76 18.67 -15.08 6.56
N LYS B 77 18.73 -13.76 6.75
CA LYS B 77 17.79 -13.12 7.64
C LYS B 77 16.56 -12.59 6.92
N ASN B 78 16.35 -12.97 5.65
CA ASN B 78 15.14 -12.74 4.85
C ASN B 78 14.81 -11.25 4.71
N GLN B 79 15.82 -10.49 4.30
CA GLN B 79 15.68 -9.05 4.26
C GLN B 79 16.65 -8.50 3.24
N PHE B 80 16.40 -7.28 2.80
CA PHE B 80 17.29 -6.73 1.80
C PHE B 80 17.53 -5.28 2.13
N SER B 81 18.59 -4.73 1.54
CA SER B 81 19.24 -3.55 2.09
CA SER B 81 19.24 -3.55 2.09
C SER B 81 19.53 -2.52 1.02
N LEU B 82 19.31 -1.25 1.38
CA LEU B 82 19.74 -0.12 0.55
C LEU B 82 20.92 0.55 1.21
N LYS B 83 22.00 0.73 0.47
CA LYS B 83 23.13 1.49 0.96
C LYS B 83 23.28 2.69 0.02
N LEU B 84 22.99 3.90 0.51
CA LEU B 84 23.18 5.12 -0.28
C LEU B 84 24.24 6.00 0.37
N SER B 85 25.27 6.36 -0.39
CA SER B 85 26.42 7.07 0.14
C SER B 85 26.46 8.53 -0.27
N SER B 86 27.19 9.29 0.57
CA SER B 86 27.54 10.69 0.36
C SER B 86 26.28 11.52 0.21
N VAL B 87 25.42 11.35 1.19
CA VAL B 87 24.10 11.90 1.10
C VAL B 87 24.13 13.40 1.34
N THR B 88 23.06 14.06 0.89
CA THR B 88 22.85 15.48 1.05
C THR B 88 21.45 15.75 1.57
N ALA B 89 21.02 17.02 1.58
CA ALA B 89 19.65 17.36 1.97
C ALA B 89 18.62 16.85 0.97
N ALA B 90 19.01 16.75 -0.30
CA ALA B 90 18.16 16.20 -1.35
C ALA B 90 17.91 14.70 -1.19
N ASP B 91 18.56 14.03 -0.25
CA ASP B 91 18.21 12.68 0.13
C ASP B 91 17.34 12.60 1.40
N THR B 92 16.75 13.71 1.85
CA THR B 92 15.68 13.62 2.84
C THR B 92 14.42 13.16 2.14
N ALA B 93 13.80 12.11 2.67
CA ALA B 93 12.77 11.33 1.96
C ALA B 93 12.19 10.22 2.82
N VAL B 94 10.98 9.83 2.49
CA VAL B 94 10.42 8.59 2.99
C VAL B 94 10.83 7.49 2.02
N TYR B 95 11.48 6.45 2.53
CA TYR B 95 12.05 5.40 1.68
C TYR B 95 11.15 4.16 1.79
N TYR B 96 10.62 3.70 0.65
CA TYR B 96 9.69 2.57 0.61
C TYR B 96 10.40 1.36 0.02
N CYS B 97 10.53 0.30 0.79
CA CYS B 97 10.94 -0.94 0.17
C CYS B 97 9.72 -1.58 -0.46
N ALA B 98 9.87 -2.15 -1.65
CA ALA B 98 8.71 -2.77 -2.29
C ALA B 98 9.09 -4.03 -3.07
N ARG B 99 8.08 -4.77 -3.48
CA ARG B 99 8.25 -6.04 -4.18
C ARG B 99 7.54 -5.97 -5.53
N THR B 100 8.28 -6.22 -6.63
CA THR B 100 7.71 -6.09 -7.98
C THR B 100 6.71 -7.19 -8.38
N PHE B 101 6.23 -7.07 -9.58
CA PHE B 101 5.40 -8.14 -10.11
C PHE B 101 6.31 -9.24 -10.60
N PRO B 102 5.81 -10.47 -10.72
CA PRO B 102 6.70 -11.59 -11.06
C PRO B 102 7.29 -11.52 -12.46
N SER B 103 8.59 -11.79 -12.53
CA SER B 103 9.32 -11.89 -13.77
C SER B 103 8.83 -13.09 -14.56
N TYR B 104 8.37 -12.83 -15.77
CA TYR B 104 7.88 -13.89 -16.59
C TYR B 104 8.32 -13.70 -18.02
N TYR B 105 7.90 -14.65 -18.85
CA TYR B 105 8.19 -14.64 -20.27
C TYR B 105 6.87 -14.78 -20.99
N ASP B 106 6.69 -14.06 -22.10
CA ASP B 106 5.53 -14.31 -22.94
C ASP B 106 5.78 -15.51 -23.84
N ARG B 107 4.82 -15.83 -24.69
CA ARG B 107 4.95 -17.01 -25.54
C ARG B 107 5.97 -16.82 -26.65
N SER B 108 6.27 -15.56 -27.00
CA SER B 108 7.34 -15.27 -27.92
C SER B 108 8.71 -15.35 -27.25
N GLY B 109 8.77 -15.30 -25.93
CA GLY B 109 10.00 -15.45 -25.18
C GLY B 109 10.63 -14.16 -24.67
N TYR B 110 10.01 -13.00 -24.93
N TYR B 110 9.98 -13.01 -24.91
CA TYR B 110 10.52 -11.74 -24.41
CA TYR B 110 10.44 -11.74 -24.36
C TYR B 110 10.39 -11.72 -22.89
C TYR B 110 10.39 -11.75 -22.85
N HIS B 111 11.48 -11.35 -22.22
CA HIS B 111 11.49 -11.46 -20.77
C HIS B 111 11.01 -10.16 -20.16
N TYR B 112 9.91 -10.26 -19.41
CA TYR B 112 9.33 -9.16 -18.67
C TYR B 112 9.74 -9.25 -17.22
N LEU B 113 10.41 -8.23 -16.72
CA LEU B 113 10.95 -8.35 -15.37
C LEU B 113 11.14 -6.93 -14.84
N ASN B 114 10.89 -6.77 -13.54
CA ASN B 114 11.10 -5.54 -12.78
C ASN B 114 10.41 -4.33 -13.41
N TYR B 115 9.08 -4.39 -13.47
CA TYR B 115 8.42 -3.37 -14.27
C TYR B 115 7.49 -2.49 -13.48
N GLY B 116 7.43 -2.65 -12.17
CA GLY B 116 6.38 -2.04 -11.41
C GLY B 116 6.15 -2.80 -10.13
N MET B 117 5.62 -2.09 -9.14
CA MET B 117 5.58 -2.57 -7.77
C MET B 117 4.23 -3.18 -7.43
N ASP B 118 4.26 -4.43 -6.93
CA ASP B 118 3.02 -5.04 -6.44
C ASP B 118 2.76 -4.58 -5.01
N VAL B 119 3.69 -4.88 -4.12
CA VAL B 119 3.40 -4.86 -2.69
C VAL B 119 4.33 -3.83 -2.08
N TRP B 120 3.81 -3.01 -1.20
CA TRP B 120 4.59 -1.89 -0.71
C TRP B 120 4.95 -2.08 0.75
N GLY B 121 6.05 -1.49 1.14
CA GLY B 121 6.31 -1.29 2.53
C GLY B 121 5.52 -0.13 3.06
N GLN B 122 5.58 0.03 4.38
CA GLN B 122 5.00 1.17 5.08
C GLN B 122 5.84 2.42 4.90
N GLY B 123 7.06 2.30 4.46
CA GLY B 123 7.97 3.43 4.43
C GLY B 123 8.72 3.57 5.73
N THR B 124 9.91 4.15 5.63
CA THR B 124 10.63 4.65 6.79
C THR B 124 11.10 6.06 6.44
N THR B 125 11.29 6.88 7.46
CA THR B 125 11.65 8.27 7.27
C THR B 125 13.16 8.45 7.48
N VAL B 126 13.81 9.12 6.53
CA VAL B 126 15.20 9.55 6.67
C VAL B 126 15.28 11.05 6.53
N THR B 127 15.69 11.73 7.60
CA THR B 127 16.10 13.13 7.57
C THR B 127 17.62 13.18 7.58
N VAL B 128 18.19 13.90 6.62
CA VAL B 128 19.62 14.14 6.59
C VAL B 128 19.87 15.47 7.28
N SER B 129 20.52 15.39 8.43
CA SER B 129 20.86 16.62 9.21
C SER B 129 22.22 16.43 9.86
N SER B 130 22.96 17.53 10.04
CA SER B 130 24.30 17.45 10.66
C SER B 130 24.16 17.28 12.17
N ALA B 131 22.93 17.07 12.63
CA ALA B 131 22.69 16.96 14.08
C ALA B 131 22.41 15.51 14.47
N SER B 132 21.79 15.31 15.64
CA SER B 132 21.56 13.92 16.12
C SER B 132 20.18 13.81 16.77
N THR B 133 19.78 12.59 17.08
CA THR B 133 18.48 12.52 17.57
CA THR B 133 18.42 12.36 17.65
C THR B 133 18.11 12.98 19.02
N LYS B 134 16.93 13.60 19.10
CA LYS B 134 16.50 14.13 20.37
C LYS B 134 15.24 13.41 20.75
N GLY B 135 15.27 12.79 21.93
CA GLY B 135 14.11 12.18 22.50
C GLY B 135 13.06 13.21 22.84
N PRO B 136 11.80 12.81 22.75
CA PRO B 136 10.72 13.70 23.17
C PRO B 136 10.53 13.66 24.67
N SER B 137 10.49 14.84 25.28
CA SER B 137 9.75 14.98 26.51
C SER B 137 8.26 14.99 26.17
N VAL B 138 7.47 14.31 26.99
CA VAL B 138 6.07 13.99 26.72
C VAL B 138 5.24 14.50 27.91
N PHE B 139 4.05 15.06 27.62
CA PHE B 139 3.24 15.77 28.64
C PHE B 139 1.75 15.50 28.54
N PRO B 140 1.01 15.40 29.66
CA PRO B 140 -0.42 15.07 29.58
C PRO B 140 -1.32 16.28 29.33
N LEU B 141 -2.38 16.06 28.57
CA LEU B 141 -3.29 17.14 28.18
C LEU B 141 -4.61 16.79 28.85
N ALA B 142 -4.69 17.07 30.15
CA ALA B 142 -5.75 16.57 30.99
C ALA B 142 -7.07 17.30 30.69
N PRO B 143 -8.22 16.61 30.77
CA PRO B 143 -9.49 17.25 30.41
C PRO B 143 -9.99 18.22 31.47
N SER B 144 -10.80 19.18 31.03
CA SER B 144 -11.34 20.24 31.88
C SER B 144 -12.73 19.91 32.42
N GLY B 151 -20.71 15.96 29.24
CA GLY B 151 -21.00 15.30 27.98
C GLY B 151 -19.84 14.68 27.20
N THR B 152 -19.51 15.30 26.06
CA THR B 152 -18.34 14.93 25.27
C THR B 152 -17.08 15.58 25.86
N ALA B 153 -15.95 14.87 25.77
CA ALA B 153 -14.72 15.31 26.45
C ALA B 153 -13.44 14.80 25.77
N ALA B 154 -12.43 15.67 25.68
CA ALA B 154 -11.18 15.41 24.95
C ALA B 154 -9.97 15.59 25.85
N LEU B 155 -9.14 14.55 25.96
CA LEU B 155 -7.85 14.57 26.63
C LEU B 155 -6.76 14.30 25.62
N GLY B 156 -5.50 14.33 26.06
CA GLY B 156 -4.44 14.10 25.09
C GLY B 156 -3.04 14.00 25.65
N CYS B 157 -2.10 13.77 24.72
CA CYS B 157 -0.67 13.77 24.98
C CYS B 157 -0.04 14.85 24.12
N LEU B 158 1.03 15.46 24.62
CA LEU B 158 1.91 16.31 23.83
C LEU B 158 3.24 15.60 23.70
N VAL B 159 3.85 15.69 22.53
CA VAL B 159 5.11 15.04 22.27
C VAL B 159 6.03 16.17 21.85
N LYS B 160 6.77 16.73 22.80
CA LYS B 160 7.45 18.01 22.65
C LYS B 160 8.93 17.78 22.40
N ASP B 161 9.46 18.49 21.41
CA ASP B 161 10.87 18.60 21.07
C ASP B 161 11.51 17.28 20.72
N TYR B 162 11.28 16.80 19.51
CA TYR B 162 12.00 15.61 19.08
C TYR B 162 12.57 15.81 17.70
N PHE B 163 13.52 14.96 17.36
CA PHE B 163 14.09 15.03 16.05
C PHE B 163 14.61 13.63 15.77
N PRO B 164 14.35 13.08 14.57
CA PRO B 164 13.57 13.64 13.47
C PRO B 164 12.12 13.09 13.49
N GLU B 165 11.35 13.17 12.41
CA GLU B 165 10.21 12.30 12.32
C GLU B 165 10.65 10.83 12.16
N PRO B 166 9.82 9.85 12.57
CA PRO B 166 8.47 9.83 13.18
C PRO B 166 8.40 9.55 14.66
N VAL B 167 7.34 10.09 15.22
CA VAL B 167 6.78 9.60 16.45
C VAL B 167 5.48 8.91 16.13
N THR B 168 5.38 7.66 16.56
CA THR B 168 4.16 6.89 16.49
C THR B 168 3.57 6.84 17.89
N VAL B 169 2.26 7.11 18.03
CA VAL B 169 1.57 7.03 19.33
C VAL B 169 0.30 6.17 19.24
N SER B 170 0.15 5.26 20.19
CA SER B 170 -1.06 4.47 20.36
C SER B 170 -1.58 4.66 21.78
N TRP B 171 -2.61 3.92 22.16
CA TRP B 171 -3.37 4.29 23.33
C TRP B 171 -3.93 3.07 24.02
N ASN B 172 -3.71 3.00 25.34
CA ASN B 172 -4.02 1.85 26.20
C ASN B 172 -3.44 0.57 25.61
N SER B 173 -2.15 0.67 25.24
CA SER B 173 -1.41 -0.30 24.43
C SER B 173 -2.15 -0.65 23.14
N GLY B 174 -2.69 0.37 22.47
CA GLY B 174 -3.35 0.21 21.18
C GLY B 174 -4.74 -0.38 21.22
N ALA B 175 -5.23 -0.78 22.40
CA ALA B 175 -6.56 -1.34 22.52
C ALA B 175 -7.62 -0.28 22.35
N LEU B 176 -7.29 0.98 22.61
CA LEU B 176 -8.15 2.06 22.21
C LEU B 176 -7.60 2.66 20.93
N THR B 177 -8.43 2.63 19.89
CA THR B 177 -8.20 3.34 18.66
C THR B 177 -9.33 4.30 18.32
N SER B 178 -10.48 4.17 18.95
CA SER B 178 -11.69 4.80 18.45
C SER B 178 -11.89 6.13 19.13
N GLY B 179 -12.03 7.18 18.32
CA GLY B 179 -11.99 8.53 18.83
C GLY B 179 -10.59 9.06 19.00
N VAL B 180 -9.57 8.22 18.81
CA VAL B 180 -8.18 8.65 18.75
C VAL B 180 -7.93 9.43 17.47
N HIS B 181 -7.47 10.68 17.62
CA HIS B 181 -6.92 11.44 16.52
C HIS B 181 -5.54 11.91 16.91
N THR B 182 -4.54 11.55 16.10
CA THR B 182 -3.15 11.94 16.26
C THR B 182 -2.80 12.94 15.17
N PHE B 183 -2.28 14.10 15.56
CA PHE B 183 -2.19 15.23 14.65
C PHE B 183 -0.84 15.25 13.96
N PRO B 184 -0.74 15.90 12.80
CA PRO B 184 0.57 16.05 12.17
C PRO B 184 1.42 17.06 12.90
N ALA B 185 2.71 16.73 13.02
CA ALA B 185 3.60 17.51 13.86
C ALA B 185 3.98 18.83 13.22
N VAL B 186 4.21 19.77 14.04
CA VAL B 186 4.67 21.07 13.55
C VAL B 186 6.19 21.02 13.57
N LEU B 187 6.83 21.78 12.70
CA LEU B 187 8.25 22.04 12.79
C LEU B 187 8.42 23.49 13.24
N GLN B 188 9.02 23.67 14.42
CA GLN B 188 9.15 25.02 14.95
C GLN B 188 10.42 25.66 14.42
N SER B 189 10.72 26.87 14.94
CA SER B 189 11.90 27.64 14.54
C SER B 189 13.18 26.89 14.86
N SER B 190 13.18 26.13 15.96
CA SER B 190 14.32 25.36 16.42
C SER B 190 14.68 24.18 15.51
N GLY B 191 13.87 23.89 14.48
CA GLY B 191 14.12 22.75 13.65
C GLY B 191 13.82 21.43 14.33
N LEU B 192 13.11 21.47 15.45
CA LEU B 192 12.64 20.30 16.15
C LEU B 192 11.16 20.14 15.84
N TYR B 193 10.55 19.13 16.45
CA TYR B 193 9.20 18.71 16.12
C TYR B 193 8.36 18.61 17.38
N SER B 194 7.06 18.76 17.19
CA SER B 194 6.10 18.64 18.26
C SER B 194 4.78 18.25 17.61
N LEU B 195 4.22 17.14 18.04
CA LEU B 195 2.82 16.81 17.75
C LEU B 195 2.06 16.66 19.06
N SER B 196 0.73 16.59 18.91
CA SER B 196 -0.22 16.28 19.98
C SER B 196 -1.21 15.22 19.51
N SER B 197 -1.75 14.46 20.46
CA SER B 197 -2.57 13.28 20.14
C SER B 197 -3.75 13.21 21.08
N VAL B 198 -4.96 13.38 20.57
CA VAL B 198 -6.16 13.56 21.36
C VAL B 198 -7.12 12.41 21.14
N VAL B 199 -7.76 11.93 22.22
CA VAL B 199 -8.83 10.95 22.09
C VAL B 199 -10.10 11.62 22.58
N THR B 200 -11.21 11.43 21.87
CA THR B 200 -12.51 11.95 22.31
C THR B 200 -13.33 10.77 22.87
N VAL B 201 -13.69 10.87 24.15
CA VAL B 201 -14.29 9.78 24.93
C VAL B 201 -15.47 10.33 25.73
N PRO B 202 -16.36 9.47 26.27
CA PRO B 202 -17.43 9.97 27.13
C PRO B 202 -16.93 10.51 28.47
N SER B 203 -17.76 11.38 29.07
CA SER B 203 -17.51 11.88 30.42
C SER B 203 -17.53 10.78 31.48
N SER B 204 -18.19 9.66 31.20
CA SER B 204 -18.39 8.60 32.18
C SER B 204 -17.07 7.91 32.54
N SER B 205 -16.17 7.76 31.58
CA SER B 205 -14.98 6.95 31.80
C SER B 205 -13.83 7.76 32.42
N LEU B 206 -14.12 8.94 33.00
CA LEU B 206 -13.05 9.79 33.54
C LEU B 206 -12.48 9.21 34.83
N GLY B 207 -13.35 8.87 35.80
CA GLY B 207 -12.85 8.46 37.09
C GLY B 207 -12.42 7.02 37.14
N THR B 208 -12.87 6.21 36.19
CA THR B 208 -12.69 4.77 36.23
C THR B 208 -11.65 4.25 35.23
N GLN B 209 -11.74 4.65 33.98
CA GLN B 209 -11.19 3.89 32.87
C GLN B 209 -9.90 4.59 32.46
N THR B 210 -8.78 3.88 32.63
CA THR B 210 -7.44 4.46 32.58
C THR B 210 -6.99 4.78 31.14
N TYR B 211 -6.13 5.78 31.01
CA TYR B 211 -5.69 6.27 29.69
C TYR B 211 -4.17 6.43 29.66
N ILE B 212 -3.52 5.46 29.03
CA ILE B 212 -2.08 5.45 28.78
C ILE B 212 -1.89 5.73 27.30
N CYS B 213 -1.08 6.73 26.96
CA CYS B 213 -0.67 6.86 25.58
C CYS B 213 0.74 6.34 25.46
N ASN B 214 1.04 5.75 24.32
CA ASN B 214 2.26 5.00 24.12
C ASN B 214 3.06 5.69 23.04
N VAL B 215 3.94 6.58 23.45
CA VAL B 215 4.77 7.34 22.54
C VAL B 215 5.99 6.53 22.19
N ASN B 216 6.33 6.47 20.91
CA ASN B 216 7.53 5.77 20.48
C ASN B 216 8.23 6.59 19.40
N HIS B 217 9.41 7.11 19.75
CA HIS B 217 10.33 7.72 18.80
C HIS B 217 11.41 6.70 18.52
N LYS B 218 11.27 6.02 17.39
CA LYS B 218 12.24 5.00 16.98
C LYS B 218 13.71 5.44 16.82
N PRO B 219 14.09 6.61 16.26
CA PRO B 219 15.53 6.91 16.13
C PRO B 219 16.29 7.19 17.43
N SER B 220 15.65 7.16 18.59
CA SER B 220 16.37 7.47 19.82
C SER B 220 16.11 6.44 20.90
N ASN B 221 15.56 5.25 20.54
CA ASN B 221 15.23 4.15 21.43
C ASN B 221 14.12 4.52 22.44
N THR B 222 13.52 5.71 22.30
CA THR B 222 12.73 6.35 23.35
C THR B 222 11.37 5.71 23.37
N LYS B 223 11.06 5.01 24.45
CA LYS B 223 9.75 4.41 24.67
C LYS B 223 9.18 5.04 25.93
N VAL B 224 8.00 5.64 25.82
CA VAL B 224 7.43 6.43 26.92
C VAL B 224 5.93 6.16 26.97
N ASP B 225 5.42 5.79 28.16
CA ASP B 225 3.99 5.74 28.46
C ASP B 225 3.63 6.89 29.40
N LYS B 226 2.33 7.21 29.52
CA LYS B 226 1.92 8.26 30.44
C LYS B 226 0.44 8.17 30.84
N LYS B 227 0.19 8.17 32.15
CA LYS B 227 -1.15 8.35 32.66
C LYS B 227 -1.60 9.80 32.44
N VAL B 228 -2.71 9.96 31.74
CA VAL B 228 -3.44 11.22 31.72
C VAL B 228 -4.59 11.07 32.69
N GLU B 229 -4.51 11.78 33.81
CA GLU B 229 -5.61 11.67 34.76
C GLU B 229 -6.19 13.05 35.02
N PRO B 230 -7.48 13.18 35.33
CA PRO B 230 -8.15 14.49 35.19
C PRO B 230 -7.76 15.49 36.27
N LYS B 231 -8.05 16.75 35.96
CA LYS B 231 -7.88 17.84 36.90
C LYS B 231 -8.91 17.73 38.02
N SER B 232 -8.59 18.33 39.17
CA SER B 232 -9.55 18.40 40.26
C SER B 232 -10.04 19.83 40.45
N CYS B 233 -10.14 20.26 41.70
CA CYS B 233 -10.50 21.64 42.05
C CYS B 233 -9.26 22.42 42.49
N ASN C 1 15.54 10.78 -20.32
CA ASN C 1 15.05 9.49 -20.80
C ASN C 1 13.70 9.69 -21.48
N PHE C 2 12.62 9.55 -20.71
CA PHE C 2 11.33 10.11 -21.08
C PHE C 2 10.67 10.71 -19.85
N MET C 3 9.76 11.65 -20.10
CA MET C 3 8.90 12.22 -19.07
C MET C 3 7.53 11.55 -19.13
N LEU C 4 6.83 11.54 -17.99
CA LEU C 4 5.43 11.14 -17.93
C LEU C 4 4.66 12.29 -17.29
N THR C 5 3.90 13.03 -18.09
CA THR C 5 3.25 14.23 -17.61
C THR C 5 1.79 13.93 -17.36
N GLN C 6 1.37 14.10 -16.11
CA GLN C 6 0.09 14.07 -15.44
C GLN C 6 -0.36 15.48 -15.11
N PRO C 7 -1.65 15.76 -15.22
CA PRO C 7 -2.15 17.05 -14.75
C PRO C 7 -2.02 17.13 -13.25
N HIS C 8 -1.76 18.32 -12.74
CA HIS C 8 -1.41 18.42 -11.32
C HIS C 8 -2.64 18.16 -10.45
N SER C 9 -3.80 18.66 -10.86
CA SER C 9 -4.98 18.68 -10.02
C SER C 9 -6.22 18.40 -10.87
N MET C 10 -7.08 17.52 -10.39
CA MET C 10 -8.39 17.33 -10.98
C MET C 10 -9.46 17.33 -9.90
N SER C 11 -10.65 17.78 -10.29
CA SER C 11 -11.83 17.91 -9.42
C SER C 11 -13.03 17.34 -10.16
N GLU C 12 -13.75 16.41 -9.53
CA GLU C 12 -14.97 15.91 -10.14
C GLU C 12 -15.94 15.49 -9.04
N SER C 13 -17.24 15.64 -9.37
CA SER C 13 -18.39 15.38 -8.51
C SER C 13 -18.46 13.91 -8.09
N PRO C 14 -19.12 13.62 -6.96
CA PRO C 14 -19.28 12.21 -6.56
C PRO C 14 -20.18 11.46 -7.52
N GLY C 15 -19.83 10.20 -7.75
CA GLY C 15 -20.52 9.37 -8.71
C GLY C 15 -20.12 9.56 -10.15
N LYS C 16 -19.53 10.69 -10.50
CA LYS C 16 -19.22 10.90 -11.89
C LYS C 16 -17.90 10.21 -12.21
N THR C 17 -17.56 10.19 -13.49
CA THR C 17 -16.39 9.47 -13.96
C THR C 17 -15.27 10.48 -14.22
N VAL C 18 -14.09 10.21 -13.68
CA VAL C 18 -12.90 11.05 -13.85
C VAL C 18 -11.80 10.21 -14.53
N THR C 19 -10.98 10.86 -15.36
CA THR C 19 -9.91 10.12 -16.00
C THR C 19 -8.60 10.89 -15.96
N ILE C 20 -7.61 10.31 -15.30
CA ILE C 20 -6.25 10.87 -15.20
C ILE C 20 -5.41 10.32 -16.34
N SER C 21 -4.92 11.23 -17.18
CA SER C 21 -4.02 10.97 -18.27
C SER C 21 -2.57 10.95 -17.79
N CYS C 22 -1.69 10.55 -18.70
CA CYS C 22 -0.32 10.25 -18.34
C CYS C 22 0.41 10.20 -19.66
N THR C 23 1.06 11.30 -20.03
CA THR C 23 1.54 11.52 -21.38
C THR C 23 3.05 11.31 -21.44
N ARG C 24 3.44 10.22 -22.07
CA ARG C 24 4.84 9.94 -22.36
C ARG C 24 5.34 10.92 -23.42
N SER C 25 6.45 11.60 -23.11
CA SER C 25 7.02 12.61 -24.00
C SER C 25 7.88 12.02 -25.10
N SER C 26 8.32 10.76 -24.96
CA SER C 26 9.37 10.19 -25.79
C SER C 26 9.18 8.69 -25.89
N GLY C 27 9.00 8.18 -27.10
CA GLY C 27 8.72 6.76 -27.23
C GLY C 27 7.24 6.46 -27.16
N SER C 28 6.82 5.38 -27.83
CA SER C 28 5.40 5.09 -27.92
C SER C 28 4.96 4.41 -26.63
N ILE C 29 3.77 4.79 -26.15
CA ILE C 29 3.34 4.40 -24.81
C ILE C 29 3.00 2.91 -24.69
N ALA C 30 2.71 2.24 -25.81
CA ALA C 30 2.31 0.83 -25.76
C ALA C 30 3.49 -0.12 -25.77
N SER C 31 4.72 0.39 -25.64
CA SER C 31 5.92 -0.42 -25.66
C SER C 31 6.42 -0.77 -24.26
N ASN C 32 5.75 -0.29 -23.22
CA ASN C 32 6.18 -0.49 -21.83
C ASN C 32 4.94 -0.55 -20.94
N TYR C 33 5.04 -1.27 -19.84
CA TYR C 33 3.87 -1.45 -18.99
C TYR C 33 3.66 -0.25 -18.09
N VAL C 34 2.40 0.12 -17.91
CA VAL C 34 2.05 1.32 -17.17
C VAL C 34 1.38 0.91 -15.88
N GLN C 35 1.91 1.44 -14.79
CA GLN C 35 1.39 1.15 -13.49
C GLN C 35 0.84 2.43 -12.92
N TRP C 36 -0.22 2.31 -12.15
CA TRP C 36 -0.84 3.44 -11.49
C TRP C 36 -0.84 3.18 -10.00
N TYR C 37 -0.34 4.15 -9.21
CA TYR C 37 -0.37 4.01 -7.76
C TYR C 37 -1.16 5.13 -7.12
N GLN C 38 -1.85 4.82 -6.03
CA GLN C 38 -2.55 5.84 -5.26
C GLN C 38 -1.84 6.09 -3.96
N GLN C 39 -1.87 7.35 -3.52
CA GLN C 39 -1.31 7.68 -2.22
C GLN C 39 -2.27 8.60 -1.49
N ARG C 40 -2.89 8.04 -0.47
CA ARG C 40 -3.56 8.83 0.54
C ARG C 40 -2.51 9.61 1.33
N PRO C 41 -2.86 10.74 1.92
CA PRO C 41 -1.84 11.56 2.60
C PRO C 41 -1.28 10.87 3.83
N GLY C 42 0.05 10.99 4.00
CA GLY C 42 0.78 10.33 5.07
C GLY C 42 0.66 8.83 5.05
N SER C 43 0.48 8.25 3.87
CA SER C 43 0.22 6.82 3.72
C SER C 43 1.20 6.29 2.71
N SER C 44 1.51 5.02 2.83
CA SER C 44 2.26 4.37 1.77
C SER C 44 1.40 4.26 0.50
N PRO C 45 2.04 4.27 -0.67
CA PRO C 45 1.34 3.93 -1.90
C PRO C 45 0.80 2.51 -1.93
N THR C 46 -0.19 2.32 -2.79
CA THR C 46 -0.66 1.00 -3.14
C THR C 46 -1.01 0.97 -4.63
N THR C 47 -0.78 -0.20 -5.22
CA THR C 47 -0.94 -0.39 -6.65
C THR C 47 -2.41 -0.54 -6.99
N VAL C 48 -2.91 0.27 -7.93
CA VAL C 48 -4.29 0.17 -8.35
C VAL C 48 -4.44 -0.38 -9.78
N ILE C 49 -3.45 -0.16 -10.66
CA ILE C 49 -3.46 -0.62 -12.04
C ILE C 49 -2.03 -0.99 -12.34
N TYR C 50 -1.80 -2.20 -12.86
CA TYR C 50 -0.50 -2.65 -13.36
C TYR C 50 -0.77 -3.26 -14.71
N GLU C 51 0.29 -3.34 -15.57
CA GLU C 51 0.11 -3.95 -16.91
C GLU C 51 -1.00 -3.31 -17.74
N ASP C 52 -1.08 -1.98 -17.62
CA ASP C 52 -1.93 -1.04 -18.35
C ASP C 52 -3.41 -1.20 -17.97
N ASN C 53 -3.96 -2.42 -17.89
CA ASN C 53 -5.39 -2.59 -17.66
C ASN C 53 -5.73 -3.62 -16.60
N GLN C 54 -4.75 -4.22 -15.94
CA GLN C 54 -5.03 -5.16 -14.86
C GLN C 54 -5.17 -4.46 -13.52
N ARG C 55 -5.81 -5.14 -12.58
CA ARG C 55 -5.79 -4.65 -11.21
C ARG C 55 -5.29 -5.75 -10.28
N PRO C 56 -4.57 -5.42 -9.22
CA PRO C 56 -4.35 -6.45 -8.19
C PRO C 56 -5.60 -6.58 -7.36
N SER C 57 -5.62 -7.52 -6.43
CA SER C 57 -6.89 -7.85 -5.83
C SER C 57 -7.21 -6.87 -4.71
N GLY C 58 -8.51 -6.58 -4.56
CA GLY C 58 -8.95 -5.57 -3.61
C GLY C 58 -9.04 -4.18 -4.18
N VAL C 59 -8.51 -3.96 -5.38
CA VAL C 59 -8.80 -2.76 -6.13
C VAL C 59 -10.21 -2.90 -6.70
N PRO C 60 -11.12 -1.95 -6.42
CA PRO C 60 -12.48 -2.01 -6.94
C PRO C 60 -12.56 -2.04 -8.45
N ASP C 61 -13.69 -2.55 -8.95
CA ASP C 61 -13.93 -2.69 -10.38
C ASP C 61 -14.09 -1.36 -11.09
N ARG C 62 -14.26 -0.27 -10.34
CA ARG C 62 -14.38 1.06 -10.88
C ARG C 62 -13.04 1.67 -11.27
N PHE C 63 -11.95 0.96 -11.02
CA PHE C 63 -10.63 1.36 -11.51
C PHE C 63 -10.37 0.63 -12.81
N SER C 64 -10.16 1.38 -13.87
CA SER C 64 -9.69 0.79 -15.09
C SER C 64 -8.58 1.67 -15.63
N GLY C 65 -7.69 1.04 -16.35
CA GLY C 65 -6.61 1.75 -17.00
C GLY C 65 -6.63 1.45 -18.48
N SER C 66 -6.34 2.45 -19.27
CA SER C 66 -6.35 2.25 -20.71
C SER C 66 -5.20 3.03 -21.31
N ILE C 67 -5.03 2.79 -22.61
CA ILE C 67 -3.96 3.37 -23.42
C ILE C 67 -4.59 4.12 -24.59
N ASP C 68 -4.02 5.28 -24.92
CA ASP C 68 -4.29 5.91 -26.20
C ASP C 68 -2.98 6.06 -26.96
N SER C 69 -2.92 5.47 -28.15
CA SER C 69 -1.76 5.63 -28.99
C SER C 69 -1.76 6.96 -29.74
N SER C 70 -2.92 7.60 -29.89
CA SER C 70 -3.01 8.86 -30.61
C SER C 70 -2.40 10.02 -29.83
N SER C 71 -2.79 10.19 -28.57
CA SER C 71 -2.23 11.25 -27.76
C SER C 71 -0.99 10.82 -27.02
N ASN C 72 -0.60 9.55 -27.22
CA ASN C 72 0.46 8.87 -26.46
C ASN C 72 0.22 8.97 -24.94
N SER C 73 -0.98 8.56 -24.52
CA SER C 73 -1.37 8.67 -23.12
C SER C 73 -1.79 7.33 -22.56
N ALA C 74 -1.48 7.13 -21.29
CA ALA C 74 -2.14 6.11 -20.51
C ALA C 74 -3.18 6.82 -19.66
N SER C 75 -4.35 6.22 -19.58
CA SER C 75 -5.44 6.82 -18.87
C SER C 75 -5.73 5.93 -17.68
N LEU C 76 -6.07 6.54 -16.55
CA LEU C 76 -6.62 5.83 -15.41
C LEU C 76 -8.02 6.34 -15.15
N THR C 77 -8.98 5.43 -15.08
CA THR C 77 -10.36 5.83 -15.11
C THR C 77 -10.96 5.41 -13.78
N ILE C 78 -11.51 6.37 -13.06
CA ILE C 78 -12.27 6.11 -11.86
C ILE C 78 -13.67 6.53 -12.18
N SER C 79 -14.60 5.59 -12.09
CA SER C 79 -15.96 5.78 -12.55
C SER C 79 -16.90 5.47 -11.40
N GLY C 80 -17.70 6.45 -11.02
CA GLY C 80 -18.41 6.30 -9.78
C GLY C 80 -17.46 6.66 -8.68
N LEU C 81 -17.33 7.96 -8.48
CA LEU C 81 -16.22 8.51 -7.76
C LEU C 81 -16.70 8.61 -6.32
N LYS C 82 -15.85 8.26 -5.36
CA LYS C 82 -16.30 8.23 -3.99
C LYS C 82 -15.82 9.44 -3.22
N THR C 83 -16.32 9.54 -2.00
CA THR C 83 -15.78 10.45 -1.00
C THR C 83 -14.29 10.20 -0.76
N GLU C 84 -13.87 8.94 -0.80
CA GLU C 84 -12.72 8.35 -0.15
C GLU C 84 -11.55 8.17 -1.14
N ASP C 85 -11.76 8.51 -2.43
CA ASP C 85 -10.74 8.33 -3.49
C ASP C 85 -9.73 9.45 -3.55
N GLU C 86 -9.91 10.47 -2.71
CA GLU C 86 -9.26 11.75 -2.81
C GLU C 86 -7.79 11.48 -2.53
N ALA C 87 -6.99 11.36 -3.58
CA ALA C 87 -5.63 10.93 -3.39
C ALA C 87 -4.71 11.52 -4.46
N ASP C 88 -3.41 11.40 -4.19
CA ASP C 88 -2.36 11.55 -5.19
C ASP C 88 -2.24 10.28 -6.03
N TYR C 89 -2.24 10.44 -7.34
CA TYR C 89 -2.26 9.31 -8.28
C TYR C 89 -1.03 9.46 -9.18
N TYR C 90 -0.10 8.53 -9.04
CA TYR C 90 1.14 8.56 -9.79
C TYR C 90 1.09 7.46 -10.84
N CYS C 91 1.37 7.81 -12.09
CA CYS C 91 1.58 6.78 -13.08
C CYS C 91 3.06 6.52 -13.20
N GLN C 92 3.40 5.27 -13.45
CA GLN C 92 4.79 4.87 -13.59
C GLN C 92 4.90 3.97 -14.81
N SER C 93 5.89 4.24 -15.64
CA SER C 93 6.34 3.25 -16.59
C SER C 93 7.83 3.16 -16.50
N TYR C 94 8.40 2.29 -17.33
CA TYR C 94 9.80 1.93 -17.19
C TYR C 94 10.42 1.82 -18.57
N ASP C 95 11.73 1.60 -18.58
CA ASP C 95 12.37 0.76 -19.60
C ASP C 95 13.55 0.09 -18.90
N SER C 96 14.29 -0.75 -19.64
CA SER C 96 15.43 -1.48 -19.06
C SER C 96 16.69 -0.50 -18.55
N SER C 97 16.57 0.82 -18.57
CA SER C 97 17.57 1.78 -18.12
C SER C 97 17.16 2.43 -16.81
N SER C 98 15.93 2.91 -16.73
N SER C 98 15.94 2.92 -16.74
CA SER C 98 15.40 3.54 -15.53
CA SER C 98 15.41 3.52 -15.53
C SER C 98 13.88 3.43 -15.54
C SER C 98 13.89 3.42 -15.53
N TRP C 99 13.32 3.49 -14.34
CA TRP C 99 11.90 3.72 -14.19
C TRP C 99 11.66 5.22 -14.28
N VAL C 100 10.44 5.60 -14.64
CA VAL C 100 9.99 6.99 -14.63
C VAL C 100 8.63 7.07 -13.94
N PHE C 101 8.51 7.99 -12.98
CA PHE C 101 7.23 8.31 -12.40
C PHE C 101 6.75 9.63 -12.97
N GLY C 102 5.43 9.81 -12.99
CA GLY C 102 4.86 11.13 -13.14
C GLY C 102 5.04 11.98 -11.89
N GLY C 103 4.67 13.25 -12.02
CA GLY C 103 4.88 14.17 -10.92
C GLY C 103 3.83 14.11 -9.83
N GLY C 104 2.65 13.56 -10.14
CA GLY C 104 1.56 13.55 -9.18
C GLY C 104 0.33 14.24 -9.70
N THR C 105 -0.81 13.55 -9.57
CA THR C 105 -2.12 14.16 -9.75
C THR C 105 -2.87 14.07 -8.43
N LYS C 106 -3.03 15.23 -7.78
CA LYS C 106 -3.86 15.36 -6.59
C LYS C 106 -5.32 15.45 -7.01
N LEU C 107 -6.10 14.40 -6.74
CA LEU C 107 -7.50 14.36 -7.12
C LEU C 107 -8.34 14.85 -5.96
N THR C 108 -9.39 15.65 -6.24
CA THR C 108 -10.30 16.21 -5.23
C THR C 108 -11.76 15.94 -5.58
N VAL C 109 -12.52 15.46 -4.63
CA VAL C 109 -13.93 15.11 -4.85
C VAL C 109 -14.77 16.32 -4.48
N LEU C 110 -15.63 16.75 -5.37
CA LEU C 110 -16.40 17.95 -5.03
C LEU C 110 -17.68 17.59 -4.27
N GLY C 111 -18.47 18.63 -3.94
CA GLY C 111 -19.76 18.48 -3.32
C GLY C 111 -19.76 18.08 -1.87
N GLN C 112 -18.58 17.96 -1.26
CA GLN C 112 -18.50 17.63 0.16
C GLN C 112 -18.88 18.83 1.00
N PRO C 113 -19.60 18.63 2.10
CA PRO C 113 -20.16 19.77 2.83
C PRO C 113 -19.08 20.57 3.51
N LYS C 114 -19.27 21.87 3.54
CA LYS C 114 -18.39 22.65 4.36
C LYS C 114 -18.64 22.35 5.84
N ALA C 115 -17.63 22.66 6.66
CA ALA C 115 -17.61 22.19 8.04
C ALA C 115 -16.87 23.18 8.93
N ASN C 116 -17.51 23.58 10.01
CA ASN C 116 -16.98 24.51 11.00
C ASN C 116 -16.04 23.74 11.93
N PRO C 117 -14.83 24.25 12.22
CA PRO C 117 -13.84 23.45 12.95
C PRO C 117 -14.15 23.23 14.44
N THR C 118 -13.86 22.01 14.90
CA THR C 118 -13.88 21.73 16.33
C THR C 118 -12.54 22.17 16.91
N VAL C 119 -12.59 23.07 17.89
CA VAL C 119 -11.41 23.75 18.38
C VAL C 119 -11.23 23.40 19.85
N THR C 120 -10.07 22.85 20.17
CA THR C 120 -9.76 22.40 21.52
C THR C 120 -8.44 23.04 21.93
N LEU C 121 -8.48 23.84 22.99
CA LEU C 121 -7.32 24.57 23.50
C LEU C 121 -6.99 24.07 24.90
N PHE C 122 -5.69 23.64 25.12
CA PHE C 122 -5.13 23.01 26.35
C PHE C 122 -4.10 23.91 27.06
N PRO C 123 -4.15 24.00 28.39
CA PRO C 123 -3.13 24.74 29.16
C PRO C 123 -1.80 23.99 29.18
N PRO C 124 -0.75 24.52 29.81
CA PRO C 124 0.41 23.66 30.06
C PRO C 124 0.14 22.77 31.24
N SER C 125 0.58 21.53 31.15
CA SER C 125 0.44 20.61 32.26
C SER C 125 1.35 21.00 33.41
N SER C 126 0.93 20.63 34.62
CA SER C 126 1.70 20.95 35.82
C SER C 126 3.04 20.22 35.86
N GLU C 127 3.12 19.07 35.18
CA GLU C 127 4.41 18.43 34.93
C GLU C 127 5.30 19.28 34.03
N GLU C 128 4.72 20.02 33.08
CA GLU C 128 5.56 20.83 32.22
C GLU C 128 5.87 22.22 32.83
N LEU C 129 5.06 22.73 33.76
CA LEU C 129 5.46 24.01 34.35
C LEU C 129 6.72 23.90 35.21
N GLN C 130 6.92 22.74 35.85
CA GLN C 130 8.25 22.49 36.39
C GLN C 130 9.06 21.96 35.21
N ALA C 131 10.37 22.27 35.20
CA ALA C 131 11.25 22.35 34.03
C ALA C 131 10.80 23.40 33.00
N ASN C 132 9.88 24.30 33.37
CA ASN C 132 9.88 25.72 33.00
C ASN C 132 9.64 25.96 31.50
N LYS C 133 8.62 25.29 30.97
CA LYS C 133 8.17 25.44 29.60
C LYS C 133 6.65 25.55 29.69
N ALA C 134 6.03 26.47 28.95
CA ALA C 134 4.58 26.63 28.99
C ALA C 134 4.05 26.71 27.57
N THR C 135 3.71 25.55 27.01
CA THR C 135 3.20 25.47 25.65
C THR C 135 1.68 25.37 25.69
N LEU C 136 0.98 26.28 24.99
CA LEU C 136 -0.47 26.17 24.85
C LEU C 136 -0.81 25.47 23.54
N VAL C 137 -1.64 24.44 23.61
CA VAL C 137 -1.91 23.59 22.46
C VAL C 137 -3.34 23.86 21.96
N CYS C 138 -3.45 24.39 20.76
CA CYS C 138 -4.73 24.64 20.10
C CYS C 138 -4.89 23.64 18.97
N LEU C 139 -5.97 22.88 19.01
CA LEU C 139 -6.20 21.73 18.12
C LEU C 139 -7.42 21.95 17.23
N ILE C 140 -7.17 22.29 15.98
CA ILE C 140 -8.25 22.72 15.09
C ILE C 140 -8.62 21.50 14.28
N SER C 141 -9.89 21.08 14.30
CA SER C 141 -10.15 19.82 13.65
C SER C 141 -11.56 19.78 13.07
N ASP C 142 -11.71 18.91 12.06
CA ASP C 142 -12.97 18.62 11.33
C ASP C 142 -13.51 19.82 10.58
N PHE C 143 -12.66 20.44 9.76
CA PHE C 143 -13.06 21.59 8.98
C PHE C 143 -12.80 21.34 7.50
N TYR C 144 -13.65 21.95 6.68
CA TYR C 144 -13.51 21.89 5.20
C TYR C 144 -14.34 23.07 4.68
N PRO C 145 -13.80 24.01 3.88
CA PRO C 145 -12.51 23.82 3.21
C PRO C 145 -11.31 23.85 4.17
N GLY C 146 -10.16 23.32 3.75
CA GLY C 146 -8.99 23.22 4.65
C GLY C 146 -8.19 24.49 4.71
N ALA C 147 -8.85 25.60 5.05
CA ALA C 147 -8.16 26.90 5.11
C ALA C 147 -8.58 27.66 6.37
N VAL C 148 -7.73 27.67 7.39
CA VAL C 148 -7.97 28.40 8.60
C VAL C 148 -6.95 29.52 8.75
N THR C 149 -7.18 30.40 9.72
CA THR C 149 -6.17 31.38 10.07
C THR C 149 -6.22 31.48 11.58
N VAL C 150 -5.16 31.03 12.27
CA VAL C 150 -5.11 31.08 13.74
C VAL C 150 -4.55 32.43 14.19
N ALA C 151 -5.22 33.05 15.14
CA ALA C 151 -4.65 34.14 15.92
C ALA C 151 -4.60 33.71 17.38
N TRP C 152 -3.68 34.27 18.12
CA TRP C 152 -3.71 34.15 19.56
C TRP C 152 -3.87 35.54 20.15
N LYS C 153 -4.49 35.59 21.34
CA LYS C 153 -4.60 36.82 22.11
C LYS C 153 -4.29 36.53 23.58
N ALA C 154 -3.35 37.29 24.14
CA ALA C 154 -3.19 37.38 25.59
C ALA C 154 -4.20 38.37 26.15
N ASP C 155 -4.73 38.04 27.35
CA ASP C 155 -5.74 38.85 28.06
C ASP C 155 -6.92 38.98 27.10
N GLY C 156 -7.06 40.18 26.53
CA GLY C 156 -7.81 40.44 25.31
C GLY C 156 -7.02 41.43 24.49
N SER C 157 -5.89 40.98 23.92
CA SER C 157 -4.87 41.81 23.28
C SER C 157 -3.95 40.92 22.44
N PRO C 158 -3.49 41.34 21.26
CA PRO C 158 -2.89 40.38 20.30
C PRO C 158 -1.49 39.89 20.67
N VAL C 159 -1.36 38.57 20.83
CA VAL C 159 -0.06 37.90 20.76
C VAL C 159 0.48 37.98 19.35
N LYS C 160 1.70 38.45 19.20
CA LYS C 160 2.38 38.36 17.92
C LYS C 160 3.71 37.62 18.07
N ALA C 161 3.79 36.62 18.95
CA ALA C 161 5.09 36.07 19.32
C ALA C 161 4.96 34.67 19.90
N GLY C 162 5.75 33.74 19.40
CA GLY C 162 5.85 32.40 20.00
C GLY C 162 4.96 31.36 19.37
N VAL C 163 4.33 31.68 18.24
CA VAL C 163 3.29 30.90 17.59
C VAL C 163 3.86 30.09 16.42
N GLU C 164 3.62 28.77 16.41
CA GLU C 164 4.10 27.90 15.34
C GLU C 164 2.95 27.00 14.91
N THR C 165 2.37 27.29 13.76
CA THR C 165 1.17 26.63 13.26
C THR C 165 1.56 25.64 12.16
N THR C 166 0.96 24.44 12.17
CA THR C 166 1.12 23.57 11.03
C THR C 166 0.07 23.91 9.98
N LYS C 167 0.52 23.95 8.76
CA LYS C 167 -0.29 23.98 7.56
C LYS C 167 -1.29 22.82 7.54
N PRO C 168 -2.55 23.10 7.17
CA PRO C 168 -3.64 22.12 7.37
C PRO C 168 -3.51 20.88 6.48
N SER C 169 -3.74 19.73 7.07
CA SER C 169 -3.48 18.46 6.43
C SER C 169 -4.76 17.65 6.36
N LYS C 170 -4.90 16.87 5.30
CA LYS C 170 -6.15 16.18 5.01
C LYS C 170 -6.30 14.97 5.92
N GLN C 171 -7.45 14.86 6.60
CA GLN C 171 -7.70 13.77 7.53
C GLN C 171 -8.23 12.53 6.80
N SER C 172 -8.51 11.50 7.60
CA SER C 172 -9.11 10.25 7.11
C SER C 172 -10.53 10.48 6.58
N ASN C 173 -11.29 11.40 7.17
CA ASN C 173 -12.66 11.67 6.79
C ASN C 173 -12.78 12.69 5.66
N ASN C 174 -11.66 13.06 5.04
CA ASN C 174 -11.44 14.08 4.01
C ASN C 174 -11.68 15.51 4.46
N LYS C 175 -11.99 15.75 5.74
CA LYS C 175 -11.91 17.09 6.29
C LYS C 175 -10.45 17.36 6.69
N TYR C 176 -10.17 18.58 7.09
CA TYR C 176 -8.78 18.93 7.31
C TYR C 176 -8.49 19.16 8.78
N ALA C 177 -7.21 19.06 9.14
CA ALA C 177 -6.71 19.23 10.51
C ALA C 177 -5.42 20.03 10.50
N ALA C 178 -5.32 20.93 11.47
CA ALA C 178 -4.08 21.62 11.74
C ALA C 178 -3.99 21.78 13.26
N SER C 179 -2.88 22.36 13.70
CA SER C 179 -2.70 22.66 15.11
C SER C 179 -1.82 23.92 15.22
N SER C 180 -2.00 24.62 16.33
CA SER C 180 -1.18 25.79 16.56
C SER C 180 -0.73 25.79 18.01
N TYR C 181 0.57 25.96 18.21
CA TYR C 181 1.21 25.92 19.50
C TYR C 181 1.67 27.32 19.83
N LEU C 182 1.60 27.66 21.12
CA LEU C 182 2.16 28.91 21.63
C LEU C 182 3.10 28.55 22.76
N SER C 183 4.40 28.65 22.48
CA SER C 183 5.38 28.49 23.56
C SER C 183 5.48 29.78 24.34
N LEU C 184 5.22 29.69 25.63
CA LEU C 184 5.42 30.75 26.58
C LEU C 184 6.44 30.32 27.63
N THR C 185 7.25 31.26 28.08
CA THR C 185 7.85 31.09 29.37
C THR C 185 6.82 31.29 30.48
N PRO C 186 7.00 30.56 31.61
CA PRO C 186 5.98 30.54 32.67
C PRO C 186 5.62 31.86 33.30
N GLU C 187 6.45 32.89 33.19
CA GLU C 187 6.02 34.21 33.64
C GLU C 187 4.86 34.69 32.81
N GLN C 188 4.94 34.54 31.48
CA GLN C 188 3.88 35.06 30.60
C GLN C 188 2.56 34.35 30.83
N TRP C 189 2.60 33.06 31.15
CA TRP C 189 1.40 32.28 31.42
C TRP C 189 0.76 32.68 32.73
N LYS C 190 1.58 33.15 33.72
CA LYS C 190 1.06 33.60 35.01
C LYS C 190 0.57 35.01 34.98
N SER C 191 1.15 35.87 34.15
CA SER C 191 0.92 37.30 34.23
C SER C 191 -0.22 37.74 33.35
N HIS C 192 -1.02 36.81 32.86
CA HIS C 192 -2.25 37.16 32.20
C HIS C 192 -3.36 36.31 32.81
N ARG C 193 -4.55 36.88 32.87
CA ARG C 193 -5.64 36.09 33.42
C ARG C 193 -6.05 35.00 32.44
N SER C 194 -6.11 35.33 31.16
CA SER C 194 -6.65 34.43 30.17
C SER C 194 -5.79 34.47 28.93
N TYR C 195 -5.77 33.37 28.22
CA TYR C 195 -5.27 33.30 26.86
C TYR C 195 -6.34 32.70 25.96
N SER C 196 -6.34 33.11 24.68
CA SER C 196 -7.47 32.86 23.79
C SER C 196 -6.94 32.40 22.44
N CYS C 197 -7.71 31.54 21.75
CA CYS C 197 -7.34 31.00 20.45
C CYS C 197 -8.40 31.37 19.41
N GLN C 198 -8.06 32.23 18.46
CA GLN C 198 -8.96 32.73 17.43
C GLN C 198 -8.65 32.02 16.11
N VAL C 199 -9.35 30.92 15.86
CA VAL C 199 -9.30 30.31 14.53
C VAL C 199 -10.48 30.80 13.67
N THR C 200 -10.13 31.31 12.49
CA THR C 200 -11.03 32.05 11.61
C THR C 200 -11.10 31.26 10.31
N HIS C 201 -12.18 30.51 10.16
CA HIS C 201 -12.42 29.67 8.99
C HIS C 201 -13.56 30.29 8.20
N GLU C 202 -13.24 30.79 6.99
CA GLU C 202 -14.17 31.39 6.04
C GLU C 202 -14.91 32.58 6.64
N GLY C 203 -14.21 33.37 7.45
CA GLY C 203 -14.80 34.55 8.05
C GLY C 203 -15.76 34.31 9.22
N SER C 204 -15.53 33.27 10.02
CA SER C 204 -16.21 33.11 11.30
C SER C 204 -15.21 32.65 12.35
N THR C 205 -15.37 33.15 13.57
CA THR C 205 -14.39 33.02 14.64
C THR C 205 -14.94 32.12 15.73
N VAL C 206 -14.16 31.12 16.13
CA VAL C 206 -14.51 30.23 17.22
C VAL C 206 -13.65 30.59 18.43
N GLU C 207 -14.29 30.94 19.52
CA GLU C 207 -13.60 31.32 20.74
C GLU C 207 -13.31 30.10 21.60
N LYS C 208 -12.06 29.90 21.98
CA LYS C 208 -11.74 29.06 23.13
C LYS C 208 -10.74 29.80 23.98
N THR C 209 -11.01 29.83 25.30
CA THR C 209 -10.28 30.63 26.26
CA THR C 209 -10.25 30.63 26.24
C THR C 209 -9.73 29.73 27.37
N VAL C 210 -8.56 30.11 27.92
CA VAL C 210 -7.80 29.31 28.89
C VAL C 210 -7.09 30.19 29.94
N ALA C 211 -7.18 29.81 31.22
CA ALA C 211 -6.66 30.50 32.40
C ALA C 211 -5.86 29.55 33.29
N PRO C 212 -4.99 30.08 34.15
CA PRO C 212 -4.36 29.22 35.18
C PRO C 212 -5.24 28.99 36.41
N THR C 213 -4.96 27.89 37.12
CA THR C 213 -5.83 27.31 38.18
C THR C 213 -6.10 28.19 39.42
#